data_7OMB
#
_entry.id   7OMB
#
_cell.length_a   108.081
_cell.length_b   147.153
_cell.length_c   71.332
_cell.angle_alpha   90.000
_cell.angle_beta   90.000
_cell.angle_gamma   90.000
#
_symmetry.space_group_name_H-M   'P 21 21 2'
#
loop_
_entity.id
_entity.type
_entity.pdbx_description
1 polymer 'DNA polymerase'
2 polymer Template
3 polymer Primer
4 non-polymer "2'-DEOXYADENOSINE 5'-TRIPHOSPHATE"
5 non-polymer 'MAGNESIUM ION'
6 non-polymer 'MANGANESE (II) ION'
7 non-polymer 1,2-ETHANEDIOL
8 water water
#
loop_
_entity_poly.entity_id
_entity_poly.type
_entity_poly.pdbx_seq_one_letter_code
_entity_poly.pdbx_strand_id
1 'polypeptide(L)'
;MILDTDYITEDGKPVIRIFKKENGEFKIEYDRTFEPYFYALLKDDSAIEEVKKITAERHGTVVTVKRVEKVQKKFLGRPV
EVWKLYFTHPQDVPAIRDKIREHPAVIDIYEYDIPFAKRYLIDKGLVPMEGDEELKMLAFAIATLYHEGEEFAEGPILMI
SYADEEGARVITWKNVDLPYVDVVSTEREMIKRFLRVVKEKDPDVLITYNGDNFDFAYLKKRCEKLGINFALGRDGSEPK
IQRMGDRFAVEVKGRIHFDLYPVIRRTINLPTYTLEAVYEAVFGQPKEKVYAEEITTAWETGENLERVARYSMEDAKVTY
ELGKEFLPMEAQLSRLIGQSLWDVSRSSTGNLVEWFLLRKAYERNELAPNKPDEKELARRRQSYEGGYVKEPERGLWENI
VYLDFRSLYPSIIITHNVSPDTLNREGCKEYDVAPQVGHRFCKDFPGFIPSLLGDLLEERQKIKKKMKATIDPIERKLLD
YRQRAIKILANSYYGYYGYARARWYCKECAESVTAWGREYITMTIKEIEEKYGFKVIYSDTDGFFATIPGADAETVKKKA
MEFLKYINAKLPGALELEYEGFYKRGFFVTKKKYAVIDEEGKITTRGLEIVRRDWSEIAKETQARVLEALLKDGDVEKAV
RIVKEVTEKLSKYEVPPEKLVIHEQITRDLKDYKATGPHVAVAKRLAARGVKIRPGTVISYIVLKGSGRIGDRAIPFDEF
DPTKHKYDAEYYIENQVLPAVERILRAFGYRKEDLRYQKTRQVGLSAWLKPKGT
;
A
2 'polydeoxyribonucleotide'
;(DT)(DA)(DT)(DG)(DC)(DA)(DA)(DC)(DT)(DG)(DT)(DG)(DG)(DC)(DC)(DG)(DT)(DG)(DG)(DT)
(DC)
;
T
3 'polydeoxyribonucleotide' (DG)(DA)(DC)(DC)(DA)(DC)(DG)(DG)(DC)(DC)(DA)(DOC) P
#
# COMPACT_ATOMS: atom_id res chain seq x y z
N MET A 1 9.01 21.00 14.68
CA MET A 1 7.99 20.49 13.71
C MET A 1 6.77 19.99 14.45
N ILE A 2 5.68 19.93 13.72
CA ILE A 2 4.44 19.37 14.22
C ILE A 2 4.50 17.86 14.04
N LEU A 3 4.24 17.13 15.13
CA LEU A 3 4.19 15.69 15.06
C LEU A 3 2.78 15.15 14.80
N ASP A 4 1.77 15.73 15.42
CA ASP A 4 0.41 15.20 15.37
C ASP A 4 -0.49 16.30 15.92
N THR A 5 -1.80 16.14 15.69
CA THR A 5 -2.84 16.94 16.33
C THR A 5 -3.97 16.01 16.79
N ASP A 6 -4.65 16.42 17.85
CA ASP A 6 -5.98 15.85 18.17
C ASP A 6 -6.79 16.95 18.84
N TYR A 7 -7.97 16.58 19.38
CA TYR A 7 -8.68 17.48 20.29
C TYR A 7 -9.27 16.68 21.46
N ILE A 8 -9.28 17.32 22.63
CA ILE A 8 -10.05 16.88 23.77
C ILE A 8 -11.13 17.92 24.07
N THR A 9 -11.98 17.59 25.02
CA THR A 9 -13.08 18.46 25.42
C THR A 9 -12.93 18.77 26.89
N GLU A 10 -13.05 20.04 27.23
CA GLU A 10 -13.09 20.46 28.62
C GLU A 10 -14.32 21.29 28.89
N ASP A 11 -15.18 20.81 29.79
CA ASP A 11 -16.40 21.51 30.12
C ASP A 11 -17.16 21.89 28.84
N GLY A 12 -17.30 20.92 27.94
CA GLY A 12 -18.18 21.11 26.80
C GLY A 12 -17.55 21.75 25.59
N LYS A 13 -16.34 22.31 25.76
CA LYS A 13 -15.65 23.04 24.72
C LYS A 13 -14.45 22.29 24.17
N PRO A 14 -14.27 22.31 22.86
CA PRO A 14 -13.13 21.60 22.26
C PRO A 14 -11.84 22.35 22.47
N VAL A 15 -10.77 21.57 22.51
CA VAL A 15 -9.42 22.08 22.70
C VAL A 15 -8.49 21.31 21.76
N ILE A 16 -7.97 21.98 20.74
CA ILE A 16 -7.05 21.30 19.85
C ILE A 16 -5.72 21.16 20.57
N ARG A 17 -5.11 19.98 20.50
CA ARG A 17 -3.75 19.81 20.99
C ARG A 17 -2.84 19.63 19.78
N ILE A 18 -1.78 20.44 19.70
CA ILE A 18 -0.74 20.29 18.69
C ILE A 18 0.55 19.82 19.38
N PHE A 19 0.96 18.62 19.05
CA PHE A 19 2.15 17.99 19.60
C PHE A 19 3.34 18.41 18.75
N LYS A 20 4.26 19.15 19.36
CA LYS A 20 5.37 19.69 18.61
C LYS A 20 6.70 19.24 19.20
N LYS A 21 7.73 19.29 18.36
CA LYS A 21 9.10 19.20 18.84
C LYS A 21 9.86 20.33 18.20
N GLU A 22 10.36 21.25 19.03
CA GLU A 22 11.00 22.47 18.59
C GLU A 22 12.26 22.71 19.41
N ASN A 23 13.37 22.92 18.71
CA ASN A 23 14.62 23.24 19.37
C ASN A 23 15.01 22.17 20.37
N GLY A 24 14.71 20.93 20.07
CA GLY A 24 14.98 19.85 21.01
C GLY A 24 13.99 19.68 22.14
N GLU A 25 12.88 20.41 22.15
CA GLU A 25 11.93 20.31 23.25
C GLU A 25 10.57 19.88 22.73
N PHE A 26 9.96 18.93 23.45
CA PHE A 26 8.57 18.57 23.18
C PHE A 26 7.66 19.63 23.76
N LYS A 27 6.65 19.99 22.99
CA LYS A 27 5.65 20.94 23.44
C LYS A 27 4.27 20.50 23.00
N ILE A 28 3.27 20.79 23.84
CA ILE A 28 1.85 20.76 23.46
C ILE A 28 1.37 22.19 23.44
N GLU A 29 0.94 22.65 22.27
CA GLU A 29 0.21 23.89 22.14
C GLU A 29 -1.27 23.55 22.27
N TYR A 30 -2.01 24.38 22.99
CA TYR A 30 -3.46 24.24 23.10
C TYR A 30 -4.10 25.37 22.31
N ASP A 31 -5.05 25.04 21.46
CA ASP A 31 -5.84 26.03 20.73
C ASP A 31 -7.27 25.86 21.22
N ARG A 32 -7.76 26.80 22.01
CA ARG A 32 -9.14 26.76 22.49
C ARG A 32 -10.08 27.64 21.68
N THR A 33 -9.65 28.20 20.56
CA THR A 33 -10.45 29.15 19.82
C THR A 33 -10.95 28.68 18.47
N PHE A 34 -10.33 27.67 17.88
CA PHE A 34 -10.75 27.21 16.57
C PHE A 34 -12.11 26.54 16.70
N GLU A 35 -13.02 26.85 15.77
CA GLU A 35 -14.41 26.42 15.81
C GLU A 35 -14.74 25.44 14.69
N PRO A 36 -15.50 24.38 14.98
CA PRO A 36 -16.02 23.56 13.89
C PRO A 36 -17.06 24.39 13.14
N TYR A 37 -17.24 24.06 11.85
CA TYR A 37 -18.21 24.73 10.98
C TYR A 37 -18.54 23.80 9.82
N PHE A 38 -19.61 24.17 9.09
CA PHE A 38 -19.83 23.70 7.72
C PHE A 38 -20.51 24.87 6.99
N TYR A 39 -20.77 24.64 5.69
CA TYR A 39 -21.35 25.65 4.81
C TYR A 39 -22.79 25.35 4.37
N ALA A 40 -23.58 26.40 4.23
CA ALA A 40 -24.93 26.30 3.69
C ALA A 40 -25.10 27.25 2.51
N LEU A 41 -25.61 26.72 1.38
CA LEU A 41 -26.07 27.54 0.27
C LEU A 41 -27.58 27.78 0.46
N LEU A 42 -27.96 29.04 0.54
CA LEU A 42 -29.35 29.40 0.78
C LEU A 42 -30.03 29.98 -0.46
N LYS A 43 -31.33 29.70 -0.55
CA LYS A 43 -32.17 30.22 -1.63
C LYS A 43 -32.21 31.74 -1.61
N ASP A 44 -32.04 32.34 -0.44
CA ASP A 44 -32.00 33.78 -0.31
C ASP A 44 -31.29 34.15 0.98
N ASP A 45 -30.61 35.28 0.97
CA ASP A 45 -29.83 35.65 2.14
C ASP A 45 -30.71 35.97 3.34
N SER A 46 -31.94 36.43 3.12
CA SER A 46 -32.82 36.72 4.24
C SER A 46 -33.01 35.49 5.14
N ALA A 47 -32.96 34.29 4.54
CA ALA A 47 -33.32 33.06 5.24
C ALA A 47 -32.33 32.70 6.35
N ILE A 48 -31.21 33.41 6.44
CA ILE A 48 -30.19 33.08 7.43
C ILE A 48 -30.75 33.28 8.83
N GLU A 49 -31.70 34.21 8.96
CA GLU A 49 -32.30 34.48 10.26
C GLU A 49 -33.07 33.29 10.80
N GLU A 50 -33.76 32.57 9.92
CA GLU A 50 -34.36 31.30 10.34
C GLU A 50 -33.26 30.27 10.61
N VAL A 51 -32.30 30.14 9.69
CA VAL A 51 -31.32 29.06 9.79
C VAL A 51 -30.56 29.15 11.10
N LYS A 52 -30.23 30.37 11.50
CA LYS A 52 -29.53 30.60 12.76
C LYS A 52 -30.32 30.14 13.97
N LYS A 53 -31.62 29.94 13.84
CA LYS A 53 -32.51 29.58 14.92
C LYS A 53 -32.66 28.08 15.07
N ILE A 54 -32.18 27.31 14.09
CA ILE A 54 -32.44 25.88 14.09
C ILE A 54 -31.70 25.27 15.27
N THR A 55 -32.32 24.27 15.89
CA THR A 55 -31.71 23.59 17.02
C THR A 55 -31.85 22.09 16.84
N ALA A 56 -30.96 21.38 17.52
CA ALA A 56 -31.06 19.95 17.59
C ALA A 56 -30.76 19.56 19.02
N GLU A 57 -30.67 18.26 19.26
CA GLU A 57 -30.30 17.72 20.56
C GLU A 57 -29.26 16.62 20.36
N ARG A 58 -28.45 16.41 21.36
CA ARG A 58 -27.62 15.22 21.39
C ARG A 58 -27.40 14.88 22.86
N HIS A 59 -27.85 13.69 23.26
CA HIS A 59 -27.69 13.20 24.62
C HIS A 59 -27.91 14.33 25.62
N GLY A 60 -29.14 14.84 25.61
CA GLY A 60 -29.57 15.82 26.57
C GLY A 60 -29.22 17.25 26.26
N THR A 61 -28.22 17.48 25.42
CA THR A 61 -27.73 18.82 25.16
C THR A 61 -28.40 19.46 23.95
N VAL A 62 -28.94 20.67 24.14
CA VAL A 62 -29.49 21.41 23.02
C VAL A 62 -28.37 22.00 22.17
N VAL A 63 -28.44 21.78 20.89
CA VAL A 63 -27.40 22.19 19.95
C VAL A 63 -27.93 23.44 19.23
N THR A 64 -27.14 24.52 19.27
CA THR A 64 -27.46 25.73 18.56
C THR A 64 -26.33 26.17 17.61
N VAL A 65 -26.72 26.99 16.63
CA VAL A 65 -25.76 27.65 15.75
C VAL A 65 -25.08 28.77 16.53
N LYS A 66 -23.76 28.75 16.54
CA LYS A 66 -23.04 29.72 17.36
C LYS A 66 -22.97 31.07 16.67
N ARG A 67 -22.58 31.09 15.39
CA ARG A 67 -22.50 32.35 14.65
C ARG A 67 -22.33 31.97 13.20
N VAL A 68 -22.50 32.96 12.33
CA VAL A 68 -22.53 32.74 10.89
C VAL A 68 -21.70 33.83 10.23
N GLU A 69 -21.32 33.57 9.00
CA GLU A 69 -20.40 34.43 8.28
C GLU A 69 -20.61 34.18 6.80
N LYS A 70 -20.83 35.26 6.05
CA LYS A 70 -21.04 35.14 4.60
C LYS A 70 -19.67 35.18 3.92
N VAL A 71 -19.45 34.24 3.00
CA VAL A 71 -18.16 34.08 2.35
C VAL A 71 -18.42 33.81 0.89
N GLN A 72 -17.50 34.28 0.05
CA GLN A 72 -17.53 34.02 -1.40
C GLN A 72 -16.58 32.87 -1.73
N LYS A 73 -17.07 31.87 -2.42
CA LYS A 73 -16.29 30.69 -2.71
C LYS A 73 -16.49 30.31 -4.16
N LYS A 74 -15.92 29.19 -4.58
CA LYS A 74 -16.23 28.58 -5.86
C LYS A 74 -16.67 27.15 -5.60
N PHE A 75 -17.49 26.62 -6.50
CA PHE A 75 -17.83 25.21 -6.55
C PHE A 75 -17.48 24.79 -7.97
N LEU A 76 -16.55 23.85 -8.11
CA LEU A 76 -16.04 23.44 -9.42
C LEU A 76 -15.68 24.66 -10.26
N GLY A 77 -15.06 25.64 -9.59
CA GLY A 77 -14.59 26.83 -10.29
C GLY A 77 -15.64 27.90 -10.54
N ARG A 78 -16.90 27.65 -10.20
CA ARG A 78 -17.92 28.67 -10.50
C ARG A 78 -18.19 29.42 -9.20
N PRO A 79 -18.08 30.74 -9.21
CA PRO A 79 -18.26 31.54 -7.97
C PRO A 79 -19.66 31.45 -7.35
N VAL A 80 -19.69 31.46 -6.04
CA VAL A 80 -20.96 31.33 -5.34
C VAL A 80 -20.73 31.77 -3.90
N GLU A 81 -21.70 32.52 -3.35
CA GLU A 81 -21.69 32.89 -1.95
C GLU A 81 -22.46 31.90 -1.10
N VAL A 82 -21.85 31.51 0.03
CA VAL A 82 -22.45 30.59 0.97
C VAL A 82 -22.31 31.13 2.39
N TRP A 83 -23.01 30.49 3.31
CA TRP A 83 -22.93 30.86 4.70
C TRP A 83 -22.12 29.83 5.48
N LYS A 84 -21.07 30.29 6.12
CA LYS A 84 -20.25 29.47 7.01
C LYS A 84 -20.90 29.47 8.40
N LEU A 85 -21.35 28.27 8.83
CA LEU A 85 -22.13 28.09 10.06
C LEU A 85 -21.15 27.52 11.12
N TYR A 86 -20.91 28.27 12.16
CA TYR A 86 -19.98 27.88 13.21
C TYR A 86 -20.76 27.25 14.35
N PHE A 87 -20.15 26.28 15.02
CA PHE A 87 -20.75 25.66 16.20
C PHE A 87 -19.73 25.60 17.34
N THR A 88 -20.25 25.33 18.53
CA THR A 88 -19.42 25.29 19.73
C THR A 88 -18.55 24.03 19.80
N HIS A 89 -19.09 22.87 19.40
CA HIS A 89 -18.39 21.61 19.54
C HIS A 89 -18.56 20.79 18.27
N PRO A 90 -17.51 20.12 17.82
CA PRO A 90 -17.64 19.33 16.59
C PRO A 90 -18.79 18.38 16.59
N GLN A 91 -19.11 17.73 17.71
CA GLN A 91 -20.22 16.78 17.72
C GLN A 91 -21.57 17.49 17.57
N ASP A 92 -21.59 18.82 17.63
CA ASP A 92 -22.81 19.52 17.25
C ASP A 92 -23.14 19.29 15.76
N VAL A 93 -22.14 19.10 14.91
CA VAL A 93 -22.38 19.15 13.46
C VAL A 93 -23.22 17.95 13.02
N PRO A 94 -22.81 16.70 13.36
CA PRO A 94 -23.68 15.55 13.00
C PRO A 94 -25.07 15.66 13.57
N ALA A 95 -25.20 16.25 14.76
CA ALA A 95 -26.51 16.30 15.40
C ALA A 95 -27.42 17.29 14.71
N ILE A 96 -26.87 18.25 13.99
CA ILE A 96 -27.78 19.25 13.45
C ILE A 96 -27.73 19.42 11.94
N ARG A 97 -26.73 18.85 11.29
CA ARG A 97 -26.53 19.11 9.87
C ARG A 97 -27.75 18.72 9.05
N ASP A 98 -28.42 17.62 9.40
CA ASP A 98 -29.57 17.20 8.59
C ASP A 98 -30.72 18.14 8.77
N LYS A 99 -30.94 18.65 9.97
CA LYS A 99 -32.06 19.57 10.17
C LYS A 99 -31.81 20.85 9.40
N ILE A 100 -30.56 21.20 9.18
CA ILE A 100 -30.28 22.37 8.34
C ILE A 100 -30.45 22.05 6.85
N ARG A 101 -29.89 20.93 6.37
CA ARG A 101 -30.08 20.56 4.97
C ARG A 101 -31.57 20.52 4.60
N GLU A 102 -32.41 19.99 5.51
CA GLU A 102 -33.84 19.76 5.27
C GLU A 102 -34.65 21.05 5.33
N HIS A 103 -34.06 22.12 5.80
CA HIS A 103 -34.78 23.38 5.87
C HIS A 103 -35.08 23.95 4.47
N PRO A 104 -36.31 24.38 4.20
CA PRO A 104 -36.71 24.64 2.81
C PRO A 104 -35.95 25.80 2.17
N ALA A 105 -35.33 26.63 3.00
CA ALA A 105 -34.51 27.70 2.48
C ALA A 105 -33.06 27.30 2.23
N VAL A 106 -32.70 26.03 2.42
CA VAL A 106 -31.32 25.57 2.24
C VAL A 106 -31.27 24.76 0.97
N ILE A 107 -30.43 25.21 0.02
CA ILE A 107 -30.23 24.47 -1.23
C ILE A 107 -29.34 23.26 -1.01
N ASP A 108 -28.25 23.43 -0.28
CA ASP A 108 -27.30 22.35 -0.04
C ASP A 108 -26.34 22.76 1.06
N ILE A 109 -25.60 21.78 1.58
CA ILE A 109 -24.63 22.04 2.61
C ILE A 109 -23.33 21.35 2.23
N TYR A 110 -22.22 21.84 2.80
CA TYR A 110 -20.90 21.37 2.37
C TYR A 110 -19.95 21.27 3.56
N GLU A 111 -18.99 20.36 3.44
CA GLU A 111 -17.87 20.23 4.37
C GLU A 111 -18.36 20.04 5.79
N TYR A 112 -19.28 19.08 5.97
CA TYR A 112 -19.91 18.82 7.24
C TYR A 112 -19.43 17.56 7.92
N ASP A 113 -18.45 16.84 7.38
CA ASP A 113 -17.98 15.56 7.92
C ASP A 113 -16.46 15.47 7.95
N ILE A 114 -15.79 16.57 8.32
CA ILE A 114 -14.35 16.67 8.23
C ILE A 114 -13.78 16.51 9.63
N PRO A 115 -12.95 15.49 9.89
CA PRO A 115 -12.35 15.33 11.22
C PRO A 115 -11.74 16.61 11.77
N PHE A 116 -12.09 16.93 13.01
CA PHE A 116 -11.83 18.28 13.52
C PHE A 116 -10.33 18.59 13.57
N ALA A 117 -9.54 17.68 14.09
CA ALA A 117 -8.11 17.98 14.28
C ALA A 117 -7.38 18.08 12.93
N LYS A 118 -7.90 17.44 11.87
CA LYS A 118 -7.35 17.53 10.53
C LYS A 118 -7.85 18.78 9.80
N ARG A 119 -9.11 19.15 10.02
CA ARG A 119 -9.63 20.43 9.57
C ARG A 119 -8.71 21.53 10.05
N TYR A 120 -8.28 21.42 11.30
CA TYR A 120 -7.44 22.43 11.92
C TYR A 120 -6.13 22.59 11.18
N LEU A 121 -5.52 21.47 10.79
CA LEU A 121 -4.25 21.56 10.07
C LEU A 121 -4.45 22.29 8.76
N ILE A 122 -5.51 21.92 8.04
CA ILE A 122 -5.76 22.53 6.74
C ILE A 122 -5.98 24.04 6.92
N ASP A 123 -6.96 24.38 7.75
CA ASP A 123 -7.38 25.79 7.77
C ASP A 123 -6.28 26.68 8.30
N LYS A 124 -5.45 26.15 9.20
CA LYS A 124 -4.34 26.94 9.74
C LYS A 124 -3.13 26.94 8.80
N GLY A 125 -3.18 26.16 7.72
CA GLY A 125 -2.05 26.12 6.79
C GLY A 125 -0.84 25.40 7.35
N LEU A 126 -1.05 24.49 8.28
CA LEU A 126 0.01 23.78 8.98
C LEU A 126 0.30 22.43 8.33
N VAL A 127 1.58 22.09 8.26
CA VAL A 127 2.01 20.85 7.63
C VAL A 127 2.84 20.06 8.63
N PRO A 128 2.45 18.86 8.98
CA PRO A 128 3.31 18.07 9.89
C PRO A 128 4.66 17.74 9.25
N MET A 129 5.67 17.60 10.08
CA MET A 129 6.97 17.02 9.70
C MET A 129 7.83 17.96 8.87
N GLU A 130 7.57 19.24 8.94
CA GLU A 130 8.36 20.23 8.22
C GLU A 130 9.52 20.67 9.11
N GLY A 131 10.65 20.97 8.48
CA GLY A 131 11.77 21.56 9.18
C GLY A 131 12.92 20.59 9.40
N ASP A 132 14.00 21.14 9.96
CA ASP A 132 15.24 20.41 10.14
C ASP A 132 15.34 19.79 11.51
N GLU A 133 14.22 19.64 12.21
CA GLU A 133 14.22 19.10 13.56
C GLU A 133 14.62 17.63 13.53
N GLU A 134 15.53 17.24 14.40
CA GLU A 134 15.96 15.85 14.49
C GLU A 134 15.10 15.13 15.54
N LEU A 135 14.40 14.09 15.11
CA LEU A 135 13.53 13.33 15.97
C LEU A 135 14.30 12.21 16.67
N LYS A 136 13.93 11.95 17.92
CA LYS A 136 14.52 10.87 18.68
C LYS A 136 13.64 9.65 18.48
N MET A 137 14.25 8.53 18.10
CA MET A 137 13.52 7.32 17.78
C MET A 137 13.96 6.16 18.67
N LEU A 138 12.99 5.29 18.98
CA LEU A 138 13.21 4.08 19.75
C LEU A 138 12.34 2.98 19.16
N ALA A 139 12.94 1.82 18.85
CA ALA A 139 12.19 0.64 18.41
C ALA A 139 12.03 -0.32 19.60
N PHE A 140 10.95 -1.12 19.60
CA PHE A 140 10.86 -2.20 20.57
C PHE A 140 10.16 -3.40 19.97
N ALA A 141 10.33 -4.53 20.67
CA ALA A 141 9.76 -5.84 20.35
C ALA A 141 9.56 -6.62 21.64
N ILE A 142 8.76 -7.69 21.55
CA ILE A 142 8.49 -8.54 22.72
C ILE A 142 8.61 -10.00 22.32
N ALA A 143 8.96 -10.84 23.28
CA ALA A 143 8.93 -12.28 23.11
C ALA A 143 7.95 -12.82 24.14
N THR A 144 7.10 -13.77 23.72
CA THR A 144 5.99 -14.23 24.54
C THR A 144 6.01 -15.74 24.67
N LEU A 145 5.35 -16.22 25.73
CA LEU A 145 5.22 -17.64 25.98
C LEU A 145 3.96 -18.12 25.29
N TYR A 146 4.13 -18.92 24.23
CA TYR A 146 3.01 -19.39 23.42
C TYR A 146 2.81 -20.87 23.67
N HIS A 147 1.57 -21.28 23.89
CA HIS A 147 1.15 -22.67 23.86
C HIS A 147 -0.04 -22.78 22.91
N GLU A 148 -0.04 -23.80 22.03
CA GLU A 148 -1.16 -23.97 21.13
C GLU A 148 -2.45 -24.11 21.94
N GLY A 149 -3.54 -23.63 21.36
CA GLY A 149 -4.85 -23.82 21.97
C GLY A 149 -5.13 -22.97 23.18
N GLU A 150 -4.50 -21.81 23.28
CA GLU A 150 -4.71 -20.87 24.38
C GLU A 150 -5.33 -19.59 23.87
N GLU A 151 -6.02 -18.88 24.74
CA GLU A 151 -6.56 -17.58 24.37
C GLU A 151 -5.41 -16.61 24.15
N PHE A 152 -5.73 -15.46 23.59
CA PHE A 152 -4.69 -14.52 23.20
C PHE A 152 -4.08 -13.90 24.45
N ALA A 153 -2.75 -13.97 24.55
CA ALA A 153 -2.02 -13.34 25.64
C ALA A 153 -2.27 -13.99 26.98
N GLU A 154 -2.71 -15.24 27.00
CA GLU A 154 -2.90 -15.95 28.25
C GLU A 154 -1.57 -16.20 28.96
N GLY A 155 -0.50 -16.32 28.19
CA GLY A 155 0.82 -16.51 28.73
C GLY A 155 1.56 -15.18 28.87
N PRO A 156 2.63 -15.17 29.65
CA PRO A 156 3.31 -13.91 29.95
C PRO A 156 4.22 -13.45 28.82
N ILE A 157 4.49 -12.15 28.83
CA ILE A 157 5.62 -11.65 28.06
C ILE A 157 6.87 -12.11 28.75
N LEU A 158 7.79 -12.69 27.97
CA LEU A 158 9.04 -13.24 28.50
C LEU A 158 10.15 -12.20 28.46
N MET A 159 10.17 -11.37 27.40
CA MET A 159 11.23 -10.39 27.24
C MET A 159 10.66 -9.18 26.50
N ILE A 160 11.21 -8.01 26.80
CA ILE A 160 10.96 -6.80 26.04
C ILE A 160 12.30 -6.22 25.61
N SER A 161 12.49 -6.02 24.31
CA SER A 161 13.74 -5.50 23.81
C SER A 161 13.51 -4.13 23.22
N TYR A 162 14.59 -3.37 23.11
CA TYR A 162 14.49 -2.04 22.54
C TYR A 162 15.84 -1.61 22.00
N ALA A 163 15.81 -0.78 20.96
CA ALA A 163 17.02 -0.43 20.25
C ALA A 163 16.96 1.00 19.77
N ASP A 164 18.09 1.68 19.81
CA ASP A 164 18.15 3.01 19.25
C ASP A 164 19.59 3.26 18.86
N GLU A 165 19.94 4.54 18.70
CA GLU A 165 21.28 4.86 18.20
C GLU A 165 22.36 4.34 19.14
N GLU A 166 22.05 4.25 20.43
CA GLU A 166 23.02 3.91 21.46
C GLU A 166 23.25 2.41 21.57
N GLY A 167 22.34 1.58 21.06
CA GLY A 167 22.49 0.16 21.12
C GLY A 167 21.14 -0.48 21.38
N ALA A 168 21.16 -1.79 21.69
CA ALA A 168 19.97 -2.59 21.91
C ALA A 168 20.11 -3.32 23.24
N ARG A 169 18.98 -3.49 23.89
CA ARG A 169 18.94 -4.19 25.15
C ARG A 169 17.67 -5.01 25.28
N VAL A 170 17.73 -5.96 26.20
CA VAL A 170 16.66 -6.90 26.47
C VAL A 170 16.37 -6.85 27.96
N ILE A 171 15.09 -6.71 28.32
CA ILE A 171 14.64 -6.84 29.71
C ILE A 171 13.92 -8.16 29.87
N THR A 172 14.30 -8.95 30.88
CA THR A 172 13.64 -10.25 31.07
C THR A 172 13.60 -10.58 32.55
N TRP A 173 12.75 -11.55 32.91
CA TRP A 173 12.60 -11.91 34.32
C TRP A 173 13.08 -13.34 34.58
N LYS A 174 14.00 -13.83 33.75
CA LYS A 174 14.82 -15.00 34.09
C LYS A 174 16.29 -14.62 33.92
N ASN A 175 17.13 -15.29 34.69
CA ASN A 175 18.56 -15.01 34.64
C ASN A 175 19.11 -15.47 33.29
N VAL A 176 19.65 -14.52 32.54
CA VAL A 176 20.36 -14.75 31.28
C VAL A 176 21.63 -13.95 31.44
N ASP A 177 22.78 -14.59 31.19
CA ASP A 177 24.06 -13.91 31.38
C ASP A 177 24.58 -13.43 30.03
N LEU A 178 23.95 -12.37 29.52
CA LEU A 178 24.41 -11.65 28.34
C LEU A 178 24.60 -10.19 28.75
N PRO A 179 25.54 -9.48 28.12
CA PRO A 179 25.84 -8.09 28.55
C PRO A 179 24.72 -7.12 28.28
N TYR A 180 23.87 -7.40 27.30
CA TYR A 180 22.79 -6.50 26.96
C TYR A 180 21.47 -6.93 27.55
N VAL A 181 21.49 -7.86 28.51
CA VAL A 181 20.27 -8.39 29.12
C VAL A 181 20.17 -7.90 30.55
N ASP A 182 19.11 -7.17 30.85
CA ASP A 182 18.82 -6.67 32.20
C ASP A 182 17.78 -7.59 32.82
N VAL A 183 18.15 -8.23 33.93
CA VAL A 183 17.30 -9.21 34.62
C VAL A 183 16.52 -8.52 35.72
N VAL A 184 15.21 -8.77 35.74
CA VAL A 184 14.31 -8.27 36.77
C VAL A 184 13.57 -9.45 37.39
N SER A 185 12.80 -9.16 38.44
CA SER A 185 12.21 -10.24 39.23
C SER A 185 10.95 -10.86 38.61
N THR A 186 10.15 -10.08 37.88
CA THR A 186 8.84 -10.55 37.46
C THR A 186 8.44 -9.93 36.11
N GLU A 187 7.45 -10.55 35.48
CA GLU A 187 6.84 -9.93 34.30
C GLU A 187 6.44 -8.50 34.62
N ARG A 188 5.84 -8.28 35.79
CA ARG A 188 5.38 -6.93 36.14
C ARG A 188 6.53 -5.93 36.17
N GLU A 189 7.64 -6.30 36.79
CA GLU A 189 8.74 -5.35 36.86
C GLU A 189 9.37 -5.11 35.50
N MET A 190 9.40 -6.16 34.67
CA MET A 190 9.87 -5.98 33.30
C MET A 190 9.07 -4.90 32.58
N ILE A 191 7.75 -5.04 32.56
CA ILE A 191 6.90 -4.07 31.88
C ILE A 191 7.14 -2.68 32.45
N LYS A 192 7.20 -2.61 33.80
CA LYS A 192 7.39 -1.33 34.47
C LYS A 192 8.75 -0.75 34.11
N ARG A 193 9.75 -1.62 34.00
CA ARG A 193 11.08 -1.16 33.60
C ARG A 193 11.09 -0.58 32.19
N PHE A 194 10.47 -1.27 31.24
CA PHE A 194 10.33 -0.73 29.88
C PHE A 194 9.60 0.62 29.89
N LEU A 195 8.50 0.70 30.62
CA LEU A 195 7.81 1.99 30.73
C LEU A 195 8.78 3.06 31.22
N ARG A 196 9.65 2.71 32.16
CA ARG A 196 10.59 3.67 32.68
C ARG A 196 11.62 4.03 31.63
N VAL A 197 12.04 3.06 30.82
CA VAL A 197 13.00 3.33 29.74
C VAL A 197 12.40 4.32 28.74
N VAL A 198 11.15 4.08 28.32
CA VAL A 198 10.52 4.98 27.37
C VAL A 198 10.42 6.38 27.96
N LYS A 199 10.05 6.48 29.24
CA LYS A 199 9.91 7.82 29.81
C LYS A 199 11.26 8.50 29.92
N GLU A 200 12.31 7.76 30.21
CA GLU A 200 13.62 8.39 30.35
C GLU A 200 14.17 8.80 28.98
N LYS A 201 14.05 7.93 27.98
CA LYS A 201 14.53 8.28 26.65
C LYS A 201 13.66 9.31 25.98
N ASP A 202 12.38 9.33 26.35
CA ASP A 202 11.39 10.25 25.78
C ASP A 202 11.49 10.32 24.27
N PRO A 203 11.29 9.25 23.55
CA PRO A 203 11.38 9.30 22.09
C PRO A 203 10.20 10.01 21.43
N ASP A 204 10.50 10.70 20.35
CA ASP A 204 9.45 11.24 19.50
C ASP A 204 8.73 10.17 18.67
N VAL A 205 9.46 9.11 18.27
CA VAL A 205 8.90 8.02 17.48
C VAL A 205 9.11 6.71 18.23
N LEU A 206 8.07 5.90 18.30
CA LEU A 206 8.16 4.51 18.74
C LEU A 206 7.96 3.64 17.51
N ILE A 207 8.98 2.85 17.18
CA ILE A 207 8.97 1.99 15.98
C ILE A 207 8.63 0.56 16.38
N THR A 208 7.63 -0.02 15.72
CA THR A 208 7.34 -1.45 15.87
C THR A 208 7.33 -2.11 14.50
N TYR A 209 7.25 -3.44 14.49
CA TYR A 209 6.93 -4.22 13.30
C TYR A 209 5.70 -5.03 13.69
N ASN A 210 4.54 -4.52 13.30
CA ASN A 210 3.21 -5.09 13.52
C ASN A 210 2.72 -4.85 14.92
N GLY A 211 3.27 -3.85 15.59
CA GLY A 211 2.74 -3.46 16.88
C GLY A 211 1.30 -3.00 16.86
N ASP A 212 0.82 -2.52 15.71
CA ASP A 212 -0.59 -2.18 15.59
C ASP A 212 -1.50 -3.34 15.89
N ASN A 213 -1.06 -4.56 15.59
CA ASN A 213 -1.90 -5.73 15.70
C ASN A 213 -1.36 -6.84 16.57
N PHE A 214 -0.23 -6.65 17.24
CA PHE A 214 0.19 -7.66 18.18
C PHE A 214 0.79 -7.10 19.46
N ASP A 215 1.91 -6.37 19.34
CA ASP A 215 2.73 -6.02 20.50
C ASP A 215 1.91 -5.23 21.53
N PHE A 216 1.23 -4.18 21.08
CA PHE A 216 0.54 -3.32 22.03
C PHE A 216 -0.67 -4.01 22.62
N ALA A 217 -1.37 -4.83 21.83
CA ALA A 217 -2.51 -5.57 22.39
C ALA A 217 -2.03 -6.60 23.41
N TYR A 218 -0.88 -7.23 23.16
CA TYR A 218 -0.41 -8.21 24.12
C TYR A 218 -0.09 -7.50 25.42
N LEU A 219 0.61 -6.36 25.31
CA LEU A 219 0.98 -5.57 26.48
C LEU A 219 -0.26 -5.13 27.24
N LYS A 220 -1.30 -4.78 26.51
CA LYS A 220 -2.52 -4.30 27.13
C LYS A 220 -3.12 -5.40 28.01
N LYS A 221 -3.34 -6.60 27.45
CA LYS A 221 -3.92 -7.70 28.24
C LYS A 221 -3.09 -7.97 29.50
N ARG A 222 -1.76 -8.07 29.33
CA ARG A 222 -0.91 -8.35 30.47
C ARG A 222 -1.04 -7.23 31.49
N CYS A 223 -1.09 -5.98 31.03
CA CYS A 223 -1.22 -4.88 31.96
C CYS A 223 -2.59 -4.92 32.64
N GLU A 224 -3.63 -5.40 31.94
CA GLU A 224 -4.92 -5.60 32.57
C GLU A 224 -4.85 -6.71 33.62
N LYS A 225 -4.13 -7.81 33.32
CA LYS A 225 -3.96 -8.88 34.31
C LYS A 225 -3.19 -8.35 35.52
N LEU A 226 -2.12 -7.61 35.27
CA LEU A 226 -1.19 -7.22 36.32
C LEU A 226 -1.50 -5.90 36.99
N GLY A 227 -2.46 -5.13 36.51
CA GLY A 227 -2.80 -3.92 37.22
C GLY A 227 -1.84 -2.77 36.94
N ILE A 228 -1.32 -2.67 35.76
CA ILE A 228 -0.26 -1.71 35.41
C ILE A 228 -0.87 -0.58 34.60
N ASN A 229 -0.58 0.66 35.02
CA ASN A 229 -0.87 1.85 34.25
C ASN A 229 0.26 2.02 33.23
N PHE A 230 -0.02 1.65 31.97
CA PHE A 230 0.98 1.56 30.93
C PHE A 230 1.05 2.91 30.22
N ALA A 231 1.61 3.87 30.93
CA ALA A 231 1.48 5.28 30.58
C ALA A 231 2.59 5.74 29.64
N LEU A 232 2.64 5.13 28.46
CA LEU A 232 3.61 5.49 27.42
C LEU A 232 3.33 6.88 26.88
N GLY A 233 2.09 7.36 26.96
CA GLY A 233 1.78 8.64 26.36
C GLY A 233 2.53 9.77 27.04
N ARG A 234 2.92 10.79 26.27
CA ARG A 234 3.57 11.96 26.85
C ARG A 234 2.62 12.77 27.70
N ASP A 235 1.31 12.56 27.58
CA ASP A 235 0.32 13.22 28.42
C ASP A 235 -0.13 12.29 29.55
N GLY A 236 0.58 11.18 29.74
CA GLY A 236 0.30 10.24 30.81
C GLY A 236 -0.67 9.14 30.46
N SER A 237 -1.19 9.14 29.23
CA SER A 237 -2.18 8.21 28.77
C SER A 237 -1.53 6.90 28.37
N GLU A 238 -2.35 5.87 28.25
CA GLU A 238 -1.94 4.58 27.74
C GLU A 238 -2.15 4.51 26.23
N PRO A 239 -1.50 3.54 25.57
CA PRO A 239 -1.72 3.38 24.12
C PRO A 239 -3.19 3.22 23.81
N LYS A 240 -3.64 3.88 22.73
CA LYS A 240 -5.04 3.86 22.34
C LYS A 240 -5.15 2.89 21.16
N ILE A 241 -5.85 1.77 21.37
CA ILE A 241 -6.04 0.74 20.34
C ILE A 241 -7.37 1.02 19.64
N GLN A 242 -7.30 1.31 18.34
CA GLN A 242 -8.45 1.69 17.53
C GLN A 242 -8.70 0.66 16.44
N ARG A 243 -9.98 0.41 16.18
CA ARG A 243 -10.40 -0.48 15.09
C ARG A 243 -10.67 0.40 13.87
N MET A 244 -10.03 0.06 12.75
CA MET A 244 -10.29 0.72 11.45
C MET A 244 -10.70 -0.38 10.45
N GLY A 245 -11.97 -0.71 10.44
CA GLY A 245 -12.48 -1.74 9.56
C GLY A 245 -12.11 -3.15 9.97
N ASP A 246 -11.27 -3.79 9.17
CA ASP A 246 -10.94 -5.20 9.36
C ASP A 246 -9.68 -5.40 10.19
N ARG A 247 -8.97 -4.34 10.56
CA ARG A 247 -7.79 -4.47 11.41
C ARG A 247 -7.63 -3.22 12.31
N PHE A 248 -6.61 -3.23 13.16
CA PHE A 248 -6.51 -2.29 14.27
C PHE A 248 -5.29 -1.37 14.09
N ALA A 249 -5.27 -0.29 14.85
CA ALA A 249 -4.10 0.58 14.85
C ALA A 249 -3.97 1.29 16.17
N VAL A 250 -2.73 1.66 16.53
CA VAL A 250 -2.43 2.05 17.90
C VAL A 250 -1.71 3.39 17.95
N GLU A 251 -2.26 4.33 18.71
CA GLU A 251 -1.68 5.64 18.93
C GLU A 251 -1.05 5.72 20.31
N VAL A 252 0.05 6.45 20.40
CA VAL A 252 0.67 6.82 21.68
C VAL A 252 0.79 8.34 21.70
N LYS A 253 -0.03 8.99 22.49
CA LYS A 253 -0.25 10.41 22.35
C LYS A 253 1.01 11.17 22.70
N GLY A 254 1.32 12.19 21.88
CA GLY A 254 2.52 12.97 21.99
C GLY A 254 3.71 12.37 21.27
N ARG A 255 3.65 11.12 20.88
CA ARG A 255 4.67 10.48 20.06
C ARG A 255 4.00 10.07 18.75
N ILE A 256 4.81 9.56 17.85
CA ILE A 256 4.34 8.92 16.64
C ILE A 256 4.65 7.44 16.75
N HIS A 257 3.62 6.60 16.93
CA HIS A 257 3.81 5.15 16.83
C HIS A 257 3.91 4.85 15.33
N PHE A 258 5.12 4.51 14.87
CA PHE A 258 5.41 4.15 13.49
C PHE A 258 5.49 2.62 13.44
N ASP A 259 4.39 1.99 13.02
CA ASP A 259 4.38 0.58 12.68
C ASP A 259 4.89 0.44 11.24
N LEU A 260 6.05 -0.22 11.13
CA LEU A 260 6.64 -0.48 9.82
C LEU A 260 5.78 -1.40 8.97
N TYR A 261 4.98 -2.29 9.57
CA TYR A 261 4.42 -3.38 8.76
C TYR A 261 3.51 -2.88 7.66
N PRO A 262 2.59 -1.96 7.90
CA PRO A 262 1.76 -1.47 6.78
C PRO A 262 2.59 -0.75 5.70
N VAL A 263 3.64 -0.05 6.08
CA VAL A 263 4.49 0.61 5.09
C VAL A 263 5.20 -0.41 4.22
N ILE A 264 5.95 -1.34 4.83
CA ILE A 264 6.66 -2.37 4.07
C ILE A 264 5.72 -3.19 3.21
N ARG A 265 4.54 -3.57 3.73
CA ARG A 265 3.61 -4.42 2.98
C ARG A 265 3.09 -3.70 1.74
N ARG A 266 3.11 -2.38 1.76
CA ARG A 266 2.70 -1.56 0.64
C ARG A 266 3.82 -1.23 -0.30
N THR A 267 5.07 -1.31 0.14
CA THR A 267 6.18 -0.86 -0.66
C THR A 267 6.94 -1.98 -1.32
N ILE A 268 7.05 -3.15 -0.70
CA ILE A 268 7.90 -4.23 -1.18
C ILE A 268 7.05 -5.46 -1.45
N ASN A 269 7.26 -6.11 -2.59
CA ASN A 269 6.53 -7.32 -2.95
C ASN A 269 7.35 -8.53 -2.50
N LEU A 270 6.84 -9.25 -1.51
CA LEU A 270 7.53 -10.41 -0.95
C LEU A 270 6.57 -11.57 -0.77
N PRO A 271 7.08 -12.81 -0.92
CA PRO A 271 6.23 -13.96 -0.64
C PRO A 271 5.84 -14.04 0.82
N THR A 272 6.69 -13.58 1.73
CA THR A 272 6.38 -13.58 3.16
C THR A 272 6.90 -12.27 3.77
N TYR A 273 6.17 -11.77 4.77
CA TYR A 273 6.54 -10.50 5.42
C TYR A 273 6.97 -10.71 6.86
N THR A 274 7.73 -11.78 7.08
CA THR A 274 8.45 -11.91 8.35
C THR A 274 9.45 -10.77 8.47
N LEU A 275 9.77 -10.42 9.71
CA LEU A 275 10.79 -9.41 9.93
C LEU A 275 12.10 -9.82 9.30
N GLU A 276 12.46 -11.10 9.47
CA GLU A 276 13.68 -11.60 8.83
C GLU A 276 13.64 -11.33 7.34
N ALA A 277 12.56 -11.70 6.66
CA ALA A 277 12.55 -11.57 5.20
C ALA A 277 12.66 -10.09 4.81
N VAL A 278 12.03 -9.21 5.58
CA VAL A 278 12.04 -7.79 5.25
C VAL A 278 13.43 -7.20 5.47
N TYR A 279 14.09 -7.64 6.53
CA TYR A 279 15.44 -7.16 6.81
C TYR A 279 16.39 -7.57 5.71
N GLU A 280 16.31 -8.83 5.29
CA GLU A 280 17.20 -9.31 4.25
C GLU A 280 16.96 -8.58 2.94
N ALA A 281 15.69 -8.30 2.63
CA ALA A 281 15.37 -7.70 1.34
C ALA A 281 15.94 -6.30 1.26
N VAL A 282 15.90 -5.57 2.36
CA VAL A 282 16.32 -4.18 2.33
C VAL A 282 17.83 -4.06 2.42
N PHE A 283 18.47 -4.88 3.27
CA PHE A 283 19.88 -4.73 3.58
C PHE A 283 20.77 -5.82 3.00
N GLY A 284 20.21 -6.90 2.51
CA GLY A 284 21.01 -7.98 1.97
C GLY A 284 21.62 -8.91 3.01
N GLN A 285 21.36 -8.70 4.27
CA GLN A 285 22.00 -9.47 5.34
C GLN A 285 20.99 -10.35 6.08
N PRO A 286 21.41 -11.53 6.52
CA PRO A 286 20.45 -12.49 7.08
C PRO A 286 20.09 -12.18 8.51
N LYS A 287 18.93 -12.70 8.89
CA LYS A 287 18.47 -12.67 10.27
C LYS A 287 17.91 -14.05 10.60
N GLU A 288 18.45 -14.67 11.65
CA GLU A 288 17.96 -15.97 12.09
C GLU A 288 16.61 -15.78 12.78
N LYS A 289 15.72 -16.74 12.54
CA LYS A 289 14.40 -16.77 13.15
C LYS A 289 14.37 -17.85 14.22
N VAL A 290 13.94 -17.47 15.42
CA VAL A 290 13.69 -18.42 16.50
C VAL A 290 12.17 -18.52 16.67
N TYR A 291 11.64 -19.74 16.56
CA TYR A 291 10.20 -19.95 16.48
C TYR A 291 9.55 -19.98 17.86
N ALA A 292 8.24 -19.69 17.86
CA ALA A 292 7.48 -19.59 19.10
C ALA A 292 7.63 -20.87 19.92
N GLU A 293 7.71 -22.02 19.27
CA GLU A 293 7.81 -23.29 19.98
C GLU A 293 9.20 -23.50 20.60
N GLU A 294 10.25 -22.95 19.99
CA GLU A 294 11.58 -23.03 20.60
C GLU A 294 11.66 -22.08 21.79
N ILE A 295 11.11 -20.87 21.64
CA ILE A 295 11.06 -19.90 22.73
C ILE A 295 10.44 -20.52 23.98
N THR A 296 9.30 -21.18 23.83
CA THR A 296 8.64 -21.76 25.00
C THR A 296 9.47 -22.88 25.65
N THR A 297 10.03 -23.78 24.84
CA THR A 297 10.82 -24.85 25.43
C THR A 297 12.04 -24.26 26.16
N ALA A 298 12.70 -23.28 25.57
CA ALA A 298 13.87 -22.68 26.19
C ALA A 298 13.54 -22.09 27.55
N TRP A 299 12.34 -21.53 27.67
CA TRP A 299 11.93 -20.90 28.92
C TRP A 299 11.52 -21.90 29.98
N GLU A 300 10.76 -22.94 29.59
CA GLU A 300 10.35 -23.93 30.56
C GLU A 300 11.53 -24.76 31.04
N THR A 301 12.43 -25.13 30.10
CA THR A 301 13.59 -25.95 30.47
C THR A 301 14.71 -25.11 31.11
N GLY A 302 14.79 -23.83 30.76
CA GLY A 302 15.90 -23.00 31.15
C GLY A 302 17.12 -23.07 30.27
N GLU A 303 17.14 -23.94 29.27
CA GLU A 303 18.33 -24.20 28.46
C GLU A 303 18.25 -23.43 27.15
N ASN A 304 19.33 -22.74 26.80
CA ASN A 304 19.46 -22.02 25.53
C ASN A 304 18.64 -20.74 25.50
N LEU A 305 18.45 -20.12 26.67
CA LEU A 305 17.76 -18.84 26.73
C LEU A 305 18.59 -17.71 26.16
N GLU A 306 19.91 -17.89 26.07
CA GLU A 306 20.76 -16.89 25.42
C GLU A 306 20.35 -16.68 23.97
N ARG A 307 20.05 -17.78 23.26
CA ARG A 307 19.66 -17.68 21.85
C ARG A 307 18.35 -16.89 21.71
N VAL A 308 17.42 -17.08 22.65
CA VAL A 308 16.14 -16.35 22.59
C VAL A 308 16.38 -14.86 22.83
N ALA A 309 17.19 -14.53 23.83
CA ALA A 309 17.50 -13.15 24.14
C ALA A 309 18.22 -12.48 22.99
N ARG A 310 19.15 -13.19 22.33
CA ARG A 310 19.78 -12.64 21.14
C ARG A 310 18.77 -12.41 20.04
N TYR A 311 17.89 -13.38 19.81
CA TYR A 311 16.85 -13.20 18.80
C TYR A 311 16.00 -11.98 19.13
N SER A 312 15.61 -11.84 20.43
CA SER A 312 14.83 -10.69 20.87
C SER A 312 15.61 -9.40 20.67
N MET A 313 16.90 -9.40 21.04
CA MET A 313 17.73 -8.22 20.81
C MET A 313 17.75 -7.87 19.33
N GLU A 314 17.94 -8.85 18.44
CA GLU A 314 18.04 -8.54 17.02
C GLU A 314 16.70 -8.02 16.48
N ASP A 315 15.57 -8.55 16.96
CA ASP A 315 14.28 -8.03 16.48
C ASP A 315 14.25 -6.51 16.63
N ALA A 316 14.61 -6.04 17.83
CA ALA A 316 14.59 -4.62 18.14
C ALA A 316 15.58 -3.89 17.27
N LYS A 317 16.81 -4.42 17.21
CA LYS A 317 17.86 -3.80 16.40
C LYS A 317 17.45 -3.61 14.95
N VAL A 318 16.98 -4.68 14.28
CA VAL A 318 16.65 -4.50 12.87
C VAL A 318 15.38 -3.63 12.74
N THR A 319 14.45 -3.71 13.70
CA THR A 319 13.26 -2.85 13.64
C THR A 319 13.68 -1.39 13.65
N TYR A 320 14.72 -1.08 14.46
CA TYR A 320 15.22 0.28 14.50
C TYR A 320 15.84 0.70 13.18
N GLU A 321 16.81 -0.10 12.69
CA GLU A 321 17.45 0.18 11.39
C GLU A 321 16.43 0.37 10.28
N LEU A 322 15.45 -0.54 10.18
CA LEU A 322 14.41 -0.37 9.17
C LEU A 322 13.70 0.97 9.35
N GLY A 323 13.41 1.33 10.60
CA GLY A 323 12.66 2.55 10.83
C GLY A 323 13.49 3.78 10.46
N LYS A 324 14.79 3.71 10.72
CA LYS A 324 15.67 4.78 10.26
C LYS A 324 15.60 5.01 8.76
N GLU A 325 15.47 3.94 7.99
CA GLU A 325 15.46 4.14 6.54
C GLU A 325 14.07 4.50 6.02
N PHE A 326 13.00 4.02 6.63
CA PHE A 326 11.68 4.22 6.03
C PHE A 326 10.95 5.43 6.58
N LEU A 327 11.29 5.89 7.77
CA LEU A 327 10.62 7.09 8.27
C LEU A 327 10.81 8.30 7.37
N PRO A 328 11.98 8.57 6.80
CA PRO A 328 12.10 9.77 5.97
C PRO A 328 11.23 9.74 4.73
N MET A 329 11.05 8.57 4.11
CA MET A 329 10.12 8.43 2.99
C MET A 329 8.70 8.76 3.42
N GLU A 330 8.23 8.16 4.51
CA GLU A 330 6.90 8.46 4.97
C GLU A 330 6.78 9.90 5.44
N ALA A 331 7.84 10.47 6.00
CA ALA A 331 7.76 11.88 6.37
C ALA A 331 7.60 12.79 5.15
N GLN A 332 8.21 12.45 4.01
CA GLN A 332 7.96 13.22 2.80
C GLN A 332 6.49 13.12 2.38
N LEU A 333 5.95 11.90 2.34
CA LEU A 333 4.52 11.76 2.04
C LEU A 333 3.68 12.61 2.98
N SER A 334 4.00 12.60 4.28
N SER A 334 4.02 12.62 4.28
CA SER A 334 3.23 13.37 5.25
CA SER A 334 3.24 13.38 5.25
C SER A 334 3.21 14.85 4.87
C SER A 334 3.21 14.86 4.90
N ARG A 335 4.35 15.39 4.44
CA ARG A 335 4.39 16.79 4.02
C ARG A 335 3.65 17.03 2.71
N LEU A 336 3.79 16.12 1.75
CA LEU A 336 3.09 16.26 0.48
C LEU A 336 1.57 16.27 0.67
N ILE A 337 1.04 15.41 1.57
CA ILE A 337 -0.39 15.34 1.79
C ILE A 337 -0.85 16.39 2.79
N GLY A 338 0.03 16.80 3.73
CA GLY A 338 -0.36 17.77 4.74
C GLY A 338 -1.06 17.19 5.95
N GLN A 339 -0.74 15.94 6.29
CA GLN A 339 -1.34 15.23 7.39
C GLN A 339 -0.24 14.48 8.14
N SER A 340 -0.60 14.07 9.36
CA SER A 340 0.34 13.49 10.30
C SER A 340 0.87 12.16 9.81
N LEU A 341 2.09 11.83 10.26
CA LEU A 341 2.73 10.62 9.79
C LEU A 341 2.02 9.40 10.29
N TRP A 342 1.47 9.48 11.51
CA TRP A 342 0.70 8.35 12.02
C TRP A 342 -0.36 7.98 11.02
N ASP A 343 -1.17 8.96 10.59
CA ASP A 343 -2.28 8.67 9.66
C ASP A 343 -1.77 8.38 8.26
N VAL A 344 -0.81 9.17 7.78
CA VAL A 344 -0.41 8.99 6.40
C VAL A 344 0.18 7.60 6.19
N SER A 345 0.97 7.12 7.17
CA SER A 345 1.67 5.85 7.02
C SER A 345 0.70 4.68 7.02
N ARG A 346 -0.55 4.89 7.45
CA ARG A 346 -1.55 3.82 7.50
C ARG A 346 -2.71 3.96 6.52
N SER A 347 -2.68 4.91 5.59
CA SER A 347 -3.89 5.08 4.79
C SER A 347 -3.76 4.54 3.38
N SER A 348 -4.89 4.18 2.79
CA SER A 348 -4.95 3.84 1.37
C SER A 348 -4.59 5.05 0.53
N THR A 349 -4.24 4.80 -0.73
CA THR A 349 -3.88 5.91 -1.60
C THR A 349 -5.07 6.87 -1.81
N GLY A 350 -6.27 6.34 -1.97
CA GLY A 350 -7.40 7.22 -2.25
C GLY A 350 -7.65 8.18 -1.10
N ASN A 351 -7.53 7.72 0.13
CA ASN A 351 -7.70 8.61 1.28
C ASN A 351 -6.65 9.72 1.26
N LEU A 352 -5.45 9.41 0.82
CA LEU A 352 -4.44 10.46 0.71
C LEU A 352 -4.76 11.43 -0.41
N VAL A 353 -5.27 10.93 -1.52
CA VAL A 353 -5.74 11.82 -2.57
C VAL A 353 -6.74 12.84 -1.99
N GLU A 354 -7.68 12.34 -1.21
CA GLU A 354 -8.77 13.22 -0.80
C GLU A 354 -8.30 14.22 0.24
N TRP A 355 -7.38 13.82 1.12
CA TRP A 355 -6.88 14.78 2.10
C TRP A 355 -6.09 15.87 1.39
N PHE A 356 -5.32 15.49 0.40
CA PHE A 356 -4.57 16.46 -0.42
C PHE A 356 -5.54 17.37 -1.16
N LEU A 357 -6.54 16.80 -1.84
CA LEU A 357 -7.51 17.68 -2.53
C LEU A 357 -8.18 18.65 -1.54
N LEU A 358 -8.60 18.15 -0.35
CA LEU A 358 -9.33 19.02 0.58
C LEU A 358 -8.46 20.18 1.02
N ARG A 359 -7.16 19.93 1.15
CA ARG A 359 -6.26 21.03 1.51
C ARG A 359 -6.11 21.99 0.33
N LYS A 360 -5.83 21.46 -0.86
CA LYS A 360 -5.67 22.34 -2.03
C LYS A 360 -6.96 23.13 -2.30
N ALA A 361 -8.12 22.50 -2.13
CA ALA A 361 -9.37 23.24 -2.29
C ALA A 361 -9.43 24.41 -1.31
N TYR A 362 -9.03 24.17 -0.07
CA TYR A 362 -9.10 25.20 0.95
C TYR A 362 -8.22 26.38 0.58
N GLU A 363 -7.01 26.08 0.07
CA GLU A 363 -6.08 27.12 -0.34
C GLU A 363 -6.64 27.93 -1.50
N ARG A 364 -7.40 27.30 -2.38
CA ARG A 364 -7.93 27.97 -3.59
C ARG A 364 -9.35 28.51 -3.39
N ASN A 365 -9.92 28.43 -2.18
CA ASN A 365 -11.28 28.90 -1.91
C ASN A 365 -12.33 28.13 -2.70
N GLU A 366 -12.09 26.81 -2.90
CA GLU A 366 -12.99 25.90 -3.59
C GLU A 366 -13.70 25.03 -2.57
N LEU A 367 -15.05 25.15 -2.50
CA LEU A 367 -15.85 24.20 -1.75
C LEU A 367 -15.57 22.78 -2.23
N ALA A 368 -15.49 21.83 -1.25
CA ALA A 368 -15.41 20.43 -1.61
C ALA A 368 -16.79 19.92 -1.99
N PRO A 369 -16.91 19.09 -3.04
CA PRO A 369 -18.14 18.29 -3.18
C PRO A 369 -18.29 17.32 -2.02
N ASN A 370 -19.52 16.91 -1.77
CA ASN A 370 -19.83 15.96 -0.74
C ASN A 370 -19.60 14.53 -1.22
N LYS A 371 -19.37 13.64 -0.26
CA LYS A 371 -19.42 12.22 -0.55
C LYS A 371 -20.83 11.87 -1.03
N PRO A 372 -21.00 10.81 -1.83
CA PRO A 372 -22.35 10.45 -2.30
C PRO A 372 -23.21 9.83 -1.20
N ASP A 373 -24.53 9.94 -1.36
CA ASP A 373 -25.47 9.20 -0.55
C ASP A 373 -25.72 7.84 -1.21
N GLU A 374 -26.58 7.01 -0.60
CA GLU A 374 -26.73 5.63 -1.07
C GLU A 374 -27.26 5.61 -2.50
N LYS A 375 -28.14 6.57 -2.85
CA LYS A 375 -28.74 6.61 -4.18
C LYS A 375 -27.69 6.98 -5.23
N GLU A 376 -26.91 8.03 -4.96
CA GLU A 376 -25.82 8.41 -5.86
C GLU A 376 -24.78 7.30 -6.00
N LEU A 377 -24.44 6.62 -4.91
CA LEU A 377 -23.56 5.45 -5.01
C LEU A 377 -24.06 4.46 -6.06
N ALA A 378 -25.32 4.01 -5.91
CA ALA A 378 -25.87 3.00 -6.80
C ALA A 378 -25.86 3.51 -8.23
N ARG A 379 -25.99 4.82 -8.41
CA ARG A 379 -25.87 5.39 -9.74
C ARG A 379 -24.45 5.34 -10.28
N ARG A 380 -23.46 5.06 -9.46
CA ARG A 380 -22.07 5.11 -9.89
C ARG A 380 -21.41 3.73 -10.02
N ARG A 381 -22.19 2.72 -10.34
CA ARG A 381 -21.68 1.36 -10.36
C ARG A 381 -21.30 0.85 -11.74
N GLN A 382 -21.52 1.62 -12.79
CA GLN A 382 -21.13 1.19 -14.12
C GLN A 382 -19.62 1.32 -14.26
N SER A 383 -19.02 0.47 -15.07
CA SER A 383 -17.61 0.57 -15.35
C SER A 383 -17.42 1.31 -16.67
N TYR A 384 -16.22 1.24 -17.20
CA TYR A 384 -15.84 1.98 -18.39
C TYR A 384 -14.56 1.33 -18.91
N GLU A 385 -14.21 1.63 -20.14
CA GLU A 385 -13.12 0.93 -20.82
C GLU A 385 -11.77 1.44 -20.34
N GLY A 386 -10.82 0.51 -20.23
CA GLY A 386 -9.48 0.85 -19.78
C GLY A 386 -8.41 0.77 -20.85
N GLY A 387 -7.25 0.22 -20.50
CA GLY A 387 -6.11 0.25 -21.38
C GLY A 387 -6.18 -0.82 -22.41
N TYR A 388 -5.49 -0.54 -23.54
CA TYR A 388 -5.35 -1.48 -24.65
C TYR A 388 -4.19 -2.45 -24.38
N VAL A 389 -4.46 -3.76 -24.45
CA VAL A 389 -3.41 -4.77 -24.32
C VAL A 389 -3.32 -5.54 -25.63
N LYS A 390 -2.18 -5.46 -26.31
CA LYS A 390 -2.01 -6.19 -27.56
C LYS A 390 -1.71 -7.65 -27.28
N GLU A 391 -2.22 -8.53 -28.10
CA GLU A 391 -1.85 -9.94 -27.97
C GLU A 391 -0.37 -10.02 -28.34
N PRO A 392 0.46 -10.68 -27.56
CA PRO A 392 1.89 -10.72 -27.91
C PRO A 392 2.14 -11.62 -29.10
N GLU A 393 3.26 -11.35 -29.79
CA GLU A 393 3.88 -12.33 -30.68
C GLU A 393 4.67 -13.32 -29.80
N ARG A 394 4.02 -14.40 -29.43
CA ARG A 394 4.59 -15.36 -28.51
C ARG A 394 5.92 -15.89 -29.03
N GLY A 395 6.77 -16.28 -28.09
CA GLY A 395 8.01 -16.97 -28.39
C GLY A 395 9.23 -16.16 -28.00
N LEU A 396 10.39 -16.62 -28.48
CA LEU A 396 11.69 -16.04 -28.16
C LEU A 396 11.95 -14.89 -29.14
N TRP A 397 12.43 -13.79 -28.62
CA TRP A 397 12.82 -12.64 -29.42
C TRP A 397 14.18 -12.11 -28.93
N GLU A 398 14.90 -11.44 -29.81
CA GLU A 398 16.21 -10.92 -29.49
C GLU A 398 16.25 -9.43 -29.81
N ASN A 399 17.16 -8.73 -29.12
CA ASN A 399 17.50 -7.33 -29.39
C ASN A 399 16.24 -6.46 -29.35
N ILE A 400 15.71 -6.40 -28.13
CA ILE A 400 14.41 -5.84 -27.84
C ILE A 400 14.57 -4.53 -27.10
N VAL A 401 13.86 -3.49 -27.55
CA VAL A 401 13.79 -2.24 -26.81
C VAL A 401 12.42 -2.17 -26.14
N TYR A 402 12.41 -1.62 -24.94
CA TYR A 402 11.17 -1.34 -24.19
C TYR A 402 11.02 0.18 -24.11
N LEU A 403 9.96 0.71 -24.71
CA LEU A 403 9.61 2.12 -24.70
C LEU A 403 8.28 2.24 -23.98
N ASP A 404 8.12 3.31 -23.19
CA ASP A 404 7.02 3.39 -22.25
C ASP A 404 6.76 4.85 -21.92
N PHE A 405 5.48 5.24 -21.91
CA PHE A 405 5.12 6.63 -21.59
C PHE A 405 5.42 6.96 -20.12
N ARG A 406 5.99 8.13 -19.93
CA ARG A 406 6.17 8.67 -18.60
C ARG A 406 4.81 9.06 -18.03
N SER A 407 4.50 8.55 -16.82
CA SER A 407 3.29 8.85 -16.07
C SER A 407 2.10 9.12 -16.98
N LEU A 408 1.70 8.16 -17.80
CA LEU A 408 0.78 8.40 -18.88
C LEU A 408 -0.50 9.05 -18.39
N TYR A 409 -1.28 8.37 -17.54
CA TYR A 409 -2.61 8.90 -17.26
C TYR A 409 -2.52 10.28 -16.58
N PRO A 410 -1.64 10.50 -15.63
CA PRO A 410 -1.49 11.86 -15.11
C PRO A 410 -1.09 12.87 -16.18
N SER A 411 -0.22 12.45 -17.14
CA SER A 411 0.20 13.34 -18.22
C SER A 411 -0.95 13.72 -19.14
N ILE A 412 -1.83 12.77 -19.47
CA ILE A 412 -3.05 13.03 -20.21
C ILE A 412 -3.90 14.03 -19.44
N ILE A 413 -4.04 13.83 -18.13
CA ILE A 413 -4.90 14.73 -17.35
C ILE A 413 -4.34 16.13 -17.43
N ILE A 414 -3.01 16.23 -17.38
CA ILE A 414 -2.39 17.54 -17.42
C ILE A 414 -2.57 18.14 -18.82
N THR A 415 -2.25 17.36 -19.83
CA THR A 415 -2.17 17.89 -21.18
C THR A 415 -3.53 18.32 -21.68
N HIS A 416 -4.55 17.54 -21.41
CA HIS A 416 -5.86 17.79 -21.98
C HIS A 416 -6.79 18.46 -20.97
N ASN A 417 -6.24 18.87 -19.81
CA ASN A 417 -6.97 19.63 -18.80
C ASN A 417 -8.23 18.90 -18.36
N VAL A 418 -8.10 17.61 -18.06
CA VAL A 418 -9.22 16.71 -17.84
C VAL A 418 -9.65 16.85 -16.38
N SER A 419 -10.88 17.35 -16.14
CA SER A 419 -11.31 17.71 -14.81
C SER A 419 -12.81 18.01 -14.77
N PRO A 420 -13.46 17.74 -13.63
CA PRO A 420 -14.93 18.00 -13.58
C PRO A 420 -15.29 19.49 -13.69
N ASP A 421 -14.38 20.39 -13.35
CA ASP A 421 -14.61 21.82 -13.50
C ASP A 421 -14.34 22.31 -14.93
N THR A 422 -13.89 21.43 -15.85
CA THR A 422 -13.69 21.80 -17.24
C THR A 422 -14.51 20.97 -18.21
N LEU A 423 -15.08 19.84 -17.76
CA LEU A 423 -15.94 18.99 -18.58
C LEU A 423 -17.13 19.78 -19.14
N ASN A 424 -17.22 19.84 -20.49
CA ASN A 424 -18.38 20.36 -21.16
C ASN A 424 -18.72 21.72 -20.61
N ARG A 425 -17.71 22.48 -20.23
CA ARG A 425 -17.93 23.83 -19.76
C ARG A 425 -18.08 24.77 -20.96
N GLU A 426 -19.26 25.37 -21.09
CA GLU A 426 -19.55 26.16 -22.29
C GLU A 426 -18.90 27.54 -22.20
N GLY A 427 -18.65 28.14 -23.34
CA GLY A 427 -18.16 29.51 -23.42
C GLY A 427 -16.66 29.69 -23.45
N CYS A 428 -15.91 28.63 -23.54
CA CYS A 428 -14.46 28.75 -23.67
C CYS A 428 -14.08 28.92 -25.13
N LYS A 429 -12.88 29.48 -25.34
CA LYS A 429 -12.31 29.54 -26.69
C LYS A 429 -11.87 28.17 -27.18
N GLU A 430 -11.28 27.37 -26.28
CA GLU A 430 -10.48 26.21 -26.69
C GLU A 430 -10.89 24.96 -25.93
N TYR A 431 -11.04 23.86 -26.66
CA TYR A 431 -11.40 22.58 -26.11
C TYR A 431 -10.50 21.50 -26.70
N ASP A 432 -10.22 20.46 -25.90
CA ASP A 432 -9.73 19.17 -26.38
C ASP A 432 -10.87 18.17 -26.23
N VAL A 433 -11.06 17.30 -27.23
CA VAL A 433 -12.19 16.38 -27.29
C VAL A 433 -11.64 14.96 -27.18
N ALA A 434 -12.10 14.21 -26.20
CA ALA A 434 -11.58 12.85 -26.02
C ALA A 434 -12.05 11.96 -27.16
N PRO A 435 -11.16 11.12 -27.72
CA PRO A 435 -11.60 10.16 -28.75
C PRO A 435 -12.57 9.14 -28.19
N GLN A 436 -13.37 8.55 -29.10
CA GLN A 436 -14.40 7.56 -28.84
C GLN A 436 -15.50 8.10 -27.92
N VAL A 437 -15.19 8.64 -26.76
CA VAL A 437 -16.27 8.96 -25.82
C VAL A 437 -16.72 10.39 -25.98
N GLY A 438 -15.93 11.24 -26.61
CA GLY A 438 -16.43 12.50 -27.08
C GLY A 438 -16.49 13.61 -26.06
N HIS A 439 -16.17 13.34 -24.82
CA HIS A 439 -16.21 14.40 -23.81
C HIS A 439 -15.25 15.54 -24.15
N ARG A 440 -15.71 16.76 -23.97
CA ARG A 440 -15.01 17.98 -24.36
C ARG A 440 -14.48 18.60 -23.08
N PHE A 441 -13.26 19.15 -23.12
CA PHE A 441 -12.67 19.76 -21.93
C PHE A 441 -12.11 21.14 -22.24
N CYS A 442 -12.62 22.11 -21.52
CA CYS A 442 -12.19 23.49 -21.67
C CYS A 442 -10.72 23.62 -21.35
N LYS A 443 -10.01 24.37 -22.17
CA LYS A 443 -8.56 24.53 -22.02
C LYS A 443 -8.19 25.94 -21.60
N ASP A 444 -9.17 26.83 -21.39
CA ASP A 444 -8.87 28.24 -21.24
C ASP A 444 -8.24 28.54 -19.88
N PHE A 445 -8.50 27.72 -18.86
CA PHE A 445 -7.94 27.87 -17.50
C PHE A 445 -7.58 26.48 -17.01
N PRO A 446 -6.57 26.38 -16.14
CA PRO A 446 -6.17 25.08 -15.58
C PRO A 446 -7.24 24.52 -14.68
N GLY A 447 -7.66 23.28 -14.97
CA GLY A 447 -8.53 22.60 -14.05
C GLY A 447 -7.84 22.37 -12.73
N PHE A 448 -8.67 22.12 -11.71
CA PHE A 448 -8.19 21.95 -10.34
C PHE A 448 -7.16 20.83 -10.21
N ILE A 449 -7.59 19.61 -10.47
CA ILE A 449 -6.66 18.49 -10.41
C ILE A 449 -5.55 18.64 -11.41
N PRO A 450 -5.80 18.88 -12.72
CA PRO A 450 -4.68 19.06 -13.67
C PRO A 450 -3.64 20.00 -13.14
N SER A 451 -4.07 21.08 -12.45
CA SER A 451 -3.09 22.06 -12.00
C SER A 451 -2.25 21.55 -10.83
N LEU A 452 -2.66 20.45 -10.17
CA LEU A 452 -1.92 19.91 -9.03
C LEU A 452 -0.97 18.79 -9.41
N LEU A 453 -1.25 18.08 -10.50
CA LEU A 453 -0.46 16.90 -10.81
C LEU A 453 0.95 17.26 -11.24
N GLY A 454 1.14 18.43 -11.86
CA GLY A 454 2.43 18.75 -12.42
C GLY A 454 3.53 18.74 -11.39
N ASP A 455 3.26 19.31 -10.21
CA ASP A 455 4.28 19.32 -9.17
C ASP A 455 4.61 17.91 -8.67
N LEU A 456 3.62 17.01 -8.61
CA LEU A 456 3.93 15.65 -8.19
C LEU A 456 4.86 14.99 -9.18
N LEU A 457 4.53 15.04 -10.47
CA LEU A 457 5.33 14.37 -11.48
C LEU A 457 6.74 14.98 -11.55
N GLU A 458 6.83 16.30 -11.38
CA GLU A 458 8.15 16.92 -11.43
C GLU A 458 9.02 16.47 -10.25
N GLU A 459 8.39 16.26 -9.08
CA GLU A 459 9.10 15.73 -7.90
C GLU A 459 9.54 14.29 -8.12
N ARG A 460 8.64 13.44 -8.64
CA ARG A 460 9.00 12.07 -8.93
C ARG A 460 10.24 12.02 -9.84
N GLN A 461 10.25 12.83 -10.93
CA GLN A 461 11.34 12.77 -11.92
C GLN A 461 12.70 13.19 -11.31
N LYS A 462 12.69 14.20 -10.42
CA LYS A 462 13.89 14.54 -9.66
C LYS A 462 14.38 13.34 -8.84
N ILE A 463 13.49 12.69 -8.09
CA ILE A 463 13.92 11.54 -7.30
C ILE A 463 14.54 10.49 -8.20
N LYS A 464 13.87 10.20 -9.35
CA LYS A 464 14.39 9.24 -10.33
C LYS A 464 15.78 9.63 -10.84
N LYS A 465 16.00 10.92 -11.12
CA LYS A 465 17.28 11.30 -11.69
C LYS A 465 18.36 11.05 -10.66
N LYS A 466 18.04 11.33 -9.40
CA LYS A 466 18.96 11.08 -8.30
C LYS A 466 19.20 9.58 -8.10
N MET A 467 18.10 8.79 -8.09
CA MET A 467 18.17 7.35 -7.91
C MET A 467 19.15 6.69 -8.89
N LYS A 468 19.04 7.02 -10.18
CA LYS A 468 19.90 6.44 -11.22
C LYS A 468 21.35 6.88 -11.06
N ALA A 469 21.62 8.02 -10.39
CA ALA A 469 22.98 8.49 -10.13
C ALA A 469 23.43 8.23 -8.70
N THR A 470 22.86 7.22 -8.04
CA THR A 470 23.18 6.95 -6.65
C THR A 470 24.03 5.69 -6.56
N ILE A 471 25.18 5.81 -5.91
CA ILE A 471 26.08 4.66 -5.82
C ILE A 471 25.61 3.64 -4.77
N ASP A 472 25.33 4.11 -3.54
CA ASP A 472 24.92 3.20 -2.47
C ASP A 472 23.68 2.42 -2.90
N PRO A 473 23.73 1.07 -2.90
CA PRO A 473 22.57 0.30 -3.39
C PRO A 473 21.37 0.38 -2.45
N ILE A 474 21.61 0.59 -1.16
CA ILE A 474 20.49 0.72 -0.23
C ILE A 474 19.81 2.06 -0.39
N GLU A 475 20.59 3.16 -0.43
CA GLU A 475 19.97 4.46 -0.65
C GLU A 475 19.25 4.50 -2.00
N ARG A 476 19.80 3.81 -3.04
CA ARG A 476 19.12 3.77 -4.35
C ARG A 476 17.78 3.04 -4.26
N LYS A 477 17.77 1.88 -3.62
CA LYS A 477 16.53 1.14 -3.34
C LYS A 477 15.50 2.03 -2.64
N LEU A 478 15.93 2.76 -1.58
CA LEU A 478 14.95 3.61 -0.90
C LEU A 478 14.45 4.74 -1.79
N LEU A 479 15.29 5.27 -2.67
CA LEU A 479 14.82 6.27 -3.62
C LEU A 479 13.86 5.66 -4.63
N ASP A 480 14.14 4.42 -5.05
CA ASP A 480 13.21 3.69 -5.91
C ASP A 480 11.83 3.59 -5.26
N TYR A 481 11.77 3.14 -3.99
CA TYR A 481 10.50 3.03 -3.25
C TYR A 481 9.80 4.39 -3.18
N ARG A 482 10.58 5.44 -2.97
CA ARG A 482 10.02 6.78 -2.90
C ARG A 482 9.42 7.22 -4.25
N GLN A 483 10.16 7.08 -5.36
CA GLN A 483 9.59 7.55 -6.64
C GLN A 483 8.41 6.66 -7.04
N ARG A 484 8.43 5.38 -6.64
CA ARG A 484 7.30 4.49 -6.89
C ARG A 484 6.06 4.91 -6.12
N ALA A 485 6.23 5.42 -4.90
CA ALA A 485 5.11 5.84 -4.09
C ALA A 485 4.42 7.01 -4.73
N ILE A 486 5.19 7.93 -5.30
CA ILE A 486 4.59 9.06 -6.02
C ILE A 486 3.93 8.63 -7.34
N LYS A 487 4.52 7.68 -8.06
CA LYS A 487 3.85 7.14 -9.23
C LYS A 487 2.46 6.63 -8.89
N ILE A 488 2.35 5.77 -7.86
CA ILE A 488 1.04 5.18 -7.49
C ILE A 488 0.06 6.26 -7.01
N LEU A 489 0.56 7.24 -6.27
CA LEU A 489 -0.27 8.33 -5.82
C LEU A 489 -0.82 9.13 -6.99
N ALA A 490 0.04 9.54 -7.92
CA ALA A 490 -0.43 10.29 -9.08
C ALA A 490 -1.42 9.48 -9.90
N ASN A 491 -1.15 8.20 -10.13
CA ASN A 491 -2.14 7.41 -10.86
C ASN A 491 -3.46 7.29 -10.10
N SER A 492 -3.44 7.41 -8.78
CA SER A 492 -4.65 7.30 -7.98
C SER A 492 -5.54 8.54 -8.08
N TYR A 493 -5.01 9.66 -8.58
CA TYR A 493 -5.88 10.77 -8.97
C TYR A 493 -6.77 10.39 -10.15
N TYR A 494 -6.19 9.68 -11.15
CA TYR A 494 -6.99 9.11 -12.23
C TYR A 494 -8.05 8.18 -11.66
N GLY A 495 -7.63 7.16 -10.89
CA GLY A 495 -8.59 6.17 -10.36
C GLY A 495 -9.66 6.84 -9.50
N TYR A 496 -9.26 7.84 -8.73
CA TYR A 496 -10.20 8.62 -7.93
C TYR A 496 -11.38 9.16 -8.74
N TYR A 497 -11.13 9.60 -9.97
CA TYR A 497 -12.21 10.06 -10.82
C TYR A 497 -13.27 9.01 -11.02
N GLY A 498 -12.87 7.74 -11.07
CA GLY A 498 -13.80 6.63 -11.28
C GLY A 498 -14.18 5.85 -10.01
N TYR A 499 -13.86 6.44 -8.88
CA TYR A 499 -14.05 5.80 -7.58
C TYR A 499 -15.40 6.28 -7.04
N ALA A 500 -16.30 5.34 -6.79
CA ALA A 500 -17.71 5.68 -6.53
C ALA A 500 -17.87 6.58 -5.31
N ARG A 501 -17.01 6.46 -4.32
CA ARG A 501 -17.15 7.20 -3.07
C ARG A 501 -16.42 8.54 -3.10
N ALA A 502 -15.74 8.86 -4.20
CA ALA A 502 -14.95 10.09 -4.27
C ALA A 502 -15.86 11.32 -4.22
N ARG A 503 -15.33 12.37 -3.62
CA ARG A 503 -15.94 13.69 -3.73
C ARG A 503 -15.84 14.26 -5.14
N TRP A 504 -14.63 14.32 -5.68
CA TRP A 504 -14.40 14.73 -7.06
C TRP A 504 -14.51 13.55 -8.04
N TYR A 505 -15.58 12.76 -7.91
CA TYR A 505 -15.95 11.75 -8.90
C TYR A 505 -16.19 12.41 -10.25
N CYS A 506 -15.73 11.74 -11.32
CA CYS A 506 -15.96 12.22 -12.69
C CYS A 506 -15.70 11.01 -13.61
N LYS A 507 -16.75 10.20 -13.82
CA LYS A 507 -16.57 9.03 -14.66
C LYS A 507 -16.26 9.46 -16.08
N GLU A 508 -16.83 10.60 -16.51
CA GLU A 508 -16.53 11.13 -17.84
C GLU A 508 -15.04 11.48 -17.97
N CYS A 509 -14.47 12.07 -16.93
CA CYS A 509 -13.04 12.32 -16.91
C CYS A 509 -12.23 10.99 -16.89
N ALA A 510 -12.65 10.03 -16.07
CA ALA A 510 -11.93 8.76 -16.01
C ALA A 510 -11.82 8.10 -17.38
N GLU A 511 -12.97 7.94 -18.08
CA GLU A 511 -12.98 7.20 -19.35
C GLU A 511 -12.38 8.00 -20.50
N SER A 512 -12.32 9.34 -20.38
CA SER A 512 -11.60 10.16 -21.35
C SER A 512 -10.10 9.96 -21.20
N VAL A 513 -9.60 9.88 -19.98
CA VAL A 513 -8.19 9.54 -19.79
C VAL A 513 -7.84 8.22 -20.45
N THR A 514 -8.62 7.17 -20.19
CA THR A 514 -8.31 5.87 -20.77
C THR A 514 -8.44 5.91 -22.28
N ALA A 515 -9.42 6.62 -22.79
CA ALA A 515 -9.59 6.69 -24.25
C ALA A 515 -8.42 7.41 -24.93
N TRP A 516 -7.94 8.48 -24.33
CA TRP A 516 -6.73 9.10 -24.87
C TRP A 516 -5.54 8.18 -24.79
N GLY A 517 -5.42 7.45 -23.68
CA GLY A 517 -4.32 6.51 -23.55
C GLY A 517 -4.34 5.47 -24.65
N ARG A 518 -5.52 4.90 -24.95
CA ARG A 518 -5.61 3.91 -26.03
C ARG A 518 -5.20 4.53 -27.34
N GLU A 519 -5.62 5.75 -27.60
CA GLU A 519 -5.25 6.39 -28.85
C GLU A 519 -3.75 6.64 -28.94
N TYR A 520 -3.14 7.13 -27.85
CA TYR A 520 -1.71 7.40 -27.96
C TYR A 520 -0.89 6.13 -28.17
N ILE A 521 -1.20 5.06 -27.45
CA ILE A 521 -0.30 3.92 -27.53
C ILE A 521 -0.40 3.30 -28.90
N THR A 522 -1.61 3.20 -29.45
CA THR A 522 -1.78 2.60 -30.78
C THR A 522 -1.21 3.47 -31.88
N MET A 523 -1.26 4.80 -31.69
CA MET A 523 -0.64 5.69 -32.65
C MET A 523 0.88 5.52 -32.63
N THR A 524 1.46 5.37 -31.44
N THR A 524 1.48 5.37 -31.45
CA THR A 524 2.90 5.21 -31.32
CA THR A 524 2.93 5.22 -31.41
C THR A 524 3.36 3.93 -31.99
C THR A 524 3.35 3.93 -32.05
N ILE A 525 2.54 2.88 -31.90
CA ILE A 525 2.86 1.59 -32.47
C ILE A 525 2.81 1.66 -33.99
N LYS A 526 1.75 2.28 -34.53
CA LYS A 526 1.63 2.39 -35.99
C LYS A 526 2.79 3.21 -36.55
N GLU A 527 3.20 4.22 -35.81
CA GLU A 527 4.29 5.10 -36.24
C GLU A 527 5.67 4.40 -36.22
N ILE A 528 6.00 3.69 -35.15
CA ILE A 528 7.30 3.06 -35.08
C ILE A 528 7.38 1.94 -36.09
N GLU A 529 6.25 1.32 -36.43
CA GLU A 529 6.29 0.21 -37.38
C GLU A 529 6.38 0.73 -38.81
N GLU A 530 5.59 1.76 -39.13
CA GLU A 530 5.51 2.24 -40.49
C GLU A 530 6.64 3.18 -40.86
N LYS A 531 7.11 3.99 -39.95
CA LYS A 531 8.13 4.97 -40.33
C LYS A 531 9.51 4.54 -39.92
N TYR A 532 9.65 3.57 -39.02
CA TYR A 532 10.96 3.08 -38.62
C TYR A 532 11.15 1.58 -38.82
N GLY A 533 10.17 0.88 -39.37
CA GLY A 533 10.39 -0.51 -39.70
C GLY A 533 10.64 -1.37 -38.49
N PHE A 534 10.13 -0.95 -37.32
CA PHE A 534 10.14 -1.83 -36.17
C PHE A 534 8.99 -2.83 -36.23
N LYS A 535 9.16 -3.93 -35.52
CA LYS A 535 8.09 -4.86 -35.21
C LYS A 535 7.80 -4.73 -33.72
N VAL A 536 6.54 -4.42 -33.40
CA VAL A 536 6.09 -4.37 -32.02
C VAL A 536 5.68 -5.76 -31.58
N ILE A 537 6.40 -6.29 -30.59
CA ILE A 537 6.21 -7.66 -30.15
C ILE A 537 5.05 -7.73 -29.19
N TYR A 538 4.91 -6.74 -28.32
CA TYR A 538 3.97 -6.84 -27.23
C TYR A 538 3.77 -5.44 -26.65
N SER A 539 2.54 -5.13 -26.29
CA SER A 539 2.19 -3.80 -25.80
C SER A 539 1.07 -3.86 -24.76
N ASP A 540 1.25 -3.08 -23.67
CA ASP A 540 0.27 -3.04 -22.59
C ASP A 540 0.09 -1.59 -22.16
N THR A 541 -1.03 -1.02 -22.56
CA THR A 541 -1.53 0.27 -22.09
C THR A 541 -0.76 1.50 -22.52
N ASP A 542 0.53 1.57 -22.25
CA ASP A 542 1.31 2.75 -22.60
C ASP A 542 2.79 2.49 -22.86
N GLY A 543 3.18 1.23 -23.01
CA GLY A 543 4.55 0.89 -23.38
C GLY A 543 4.50 -0.37 -24.24
N PHE A 544 5.62 -0.66 -24.93
CA PHE A 544 5.70 -1.81 -25.82
C PHE A 544 7.14 -2.30 -25.93
N PHE A 545 7.28 -3.56 -26.29
CA PHE A 545 8.55 -4.17 -26.66
C PHE A 545 8.65 -4.32 -28.17
N ALA A 546 9.79 -3.96 -28.72
CA ALA A 546 9.95 -4.00 -30.18
C ALA A 546 11.40 -4.28 -30.55
N THR A 547 11.56 -4.73 -31.79
CA THR A 547 12.87 -4.88 -32.37
C THR A 547 12.79 -4.49 -33.84
N ILE A 548 13.94 -4.51 -34.51
CA ILE A 548 14.00 -4.51 -35.96
C ILE A 548 14.43 -5.91 -36.37
N PRO A 549 13.56 -6.73 -36.96
CA PRO A 549 13.97 -8.12 -37.26
C PRO A 549 15.17 -8.10 -38.19
N GLY A 550 16.21 -8.82 -37.78
CA GLY A 550 17.43 -8.92 -38.56
C GLY A 550 18.55 -8.01 -38.08
N ALA A 551 18.21 -6.99 -37.30
CA ALA A 551 19.19 -5.96 -36.93
C ALA A 551 19.91 -6.33 -35.64
N ASP A 552 21.17 -5.91 -35.56
CA ASP A 552 21.96 -6.12 -34.35
C ASP A 552 21.60 -5.10 -33.27
N ALA A 553 22.08 -5.38 -32.05
CA ALA A 553 21.71 -4.59 -30.89
C ALA A 553 22.03 -3.12 -31.11
N GLU A 554 23.24 -2.83 -31.60
CA GLU A 554 23.67 -1.46 -31.85
C GLU A 554 22.65 -0.72 -32.73
N THR A 555 22.22 -1.37 -33.82
CA THR A 555 21.30 -0.75 -34.77
C THR A 555 19.94 -0.52 -34.12
N VAL A 556 19.41 -1.52 -33.43
CA VAL A 556 18.10 -1.35 -32.79
C VAL A 556 18.13 -0.19 -31.81
N LYS A 557 19.23 -0.04 -31.05
CA LYS A 557 19.27 0.98 -30.03
C LYS A 557 19.34 2.36 -30.66
N LYS A 558 20.14 2.49 -31.72
CA LYS A 558 20.25 3.76 -32.46
C LYS A 558 18.90 4.18 -33.02
N LYS A 559 18.24 3.28 -33.76
CA LYS A 559 16.97 3.65 -34.39
C LYS A 559 15.90 3.96 -33.35
N ALA A 560 15.93 3.28 -32.19
CA ALA A 560 14.94 3.54 -31.15
C ALA A 560 15.08 4.96 -30.62
N MET A 561 16.31 5.41 -30.40
CA MET A 561 16.52 6.78 -29.95
C MET A 561 16.05 7.78 -31.01
N GLU A 562 16.32 7.48 -32.29
CA GLU A 562 15.81 8.31 -33.36
C GLU A 562 14.29 8.39 -33.33
N PHE A 563 13.62 7.25 -33.14
CA PHE A 563 12.16 7.27 -33.06
C PHE A 563 11.68 8.15 -31.91
N LEU A 564 12.36 8.06 -30.77
CA LEU A 564 11.91 8.82 -29.61
C LEU A 564 11.99 10.31 -29.88
N LYS A 565 13.08 10.75 -30.52
CA LYS A 565 13.19 12.16 -30.85
C LYS A 565 12.02 12.59 -31.73
N TYR A 566 11.78 11.83 -32.80
CA TYR A 566 10.69 12.10 -33.72
C TYR A 566 9.33 12.13 -33.02
N ILE A 567 9.00 11.10 -32.26
CA ILE A 567 7.65 10.95 -31.73
C ILE A 567 7.41 11.98 -30.61
N ASN A 568 8.43 12.28 -29.80
CA ASN A 568 8.23 13.22 -28.70
C ASN A 568 8.01 14.62 -29.22
N ALA A 569 8.58 14.93 -30.40
CA ALA A 569 8.26 16.20 -31.05
C ALA A 569 6.82 16.27 -31.54
N LYS A 570 6.21 15.15 -31.89
CA LYS A 570 4.83 15.20 -32.32
C LYS A 570 3.87 15.20 -31.13
N LEU A 571 4.26 14.61 -30.01
CA LEU A 571 3.37 14.48 -28.88
C LEU A 571 3.15 15.85 -28.23
N PRO A 572 1.97 16.10 -27.69
CA PRO A 572 1.69 17.39 -27.06
C PRO A 572 1.94 17.43 -25.56
N GLY A 573 2.15 18.64 -25.07
CA GLY A 573 2.13 18.89 -23.64
C GLY A 573 3.11 18.01 -22.88
N ALA A 574 2.60 17.35 -21.86
CA ALA A 574 3.40 16.56 -20.93
C ALA A 574 3.64 15.14 -21.40
N LEU A 575 3.13 14.76 -22.57
CA LEU A 575 3.27 13.41 -23.09
C LEU A 575 4.69 13.16 -23.56
N GLU A 576 5.29 12.06 -23.08
CA GLU A 576 6.68 11.73 -23.41
C GLU A 576 6.88 10.22 -23.39
N LEU A 577 7.35 9.66 -24.51
CA LEU A 577 7.75 8.27 -24.58
C LEU A 577 9.19 8.21 -24.12
N GLU A 578 9.49 7.26 -23.25
CA GLU A 578 10.80 7.13 -22.62
C GLU A 578 11.45 5.82 -23.08
N TYR A 579 12.78 5.82 -23.13
CA TYR A 579 13.56 4.59 -23.31
C TYR A 579 13.67 3.89 -21.96
N GLU A 580 12.98 2.79 -21.80
CA GLU A 580 12.95 2.12 -20.51
C GLU A 580 13.99 1.02 -20.38
N GLY A 581 14.41 0.39 -21.46
CA GLY A 581 15.52 -0.53 -21.42
C GLY A 581 15.68 -1.32 -22.71
N PHE A 582 16.79 -2.05 -22.75
CA PHE A 582 17.14 -2.95 -23.85
C PHE A 582 17.31 -4.34 -23.26
N TYR A 583 16.85 -5.36 -23.98
CA TYR A 583 16.94 -6.75 -23.57
C TYR A 583 17.47 -7.57 -24.74
N LYS A 584 18.56 -8.30 -24.50
CA LYS A 584 19.17 -9.06 -25.59
C LYS A 584 18.29 -10.22 -26.01
N ARG A 585 17.51 -10.76 -25.08
CA ARG A 585 16.54 -11.80 -25.39
C ARG A 585 15.26 -11.61 -24.55
N GLY A 586 14.17 -12.21 -25.02
CA GLY A 586 12.93 -12.16 -24.31
C GLY A 586 12.00 -13.25 -24.78
N PHE A 587 11.17 -13.71 -23.84
CA PHE A 587 10.21 -14.78 -24.12
C PHE A 587 8.82 -14.30 -23.69
N PHE A 588 7.87 -14.24 -24.63
CA PHE A 588 6.51 -13.75 -24.39
C PHE A 588 5.54 -14.93 -24.45
N VAL A 589 4.86 -15.19 -23.33
CA VAL A 589 4.03 -16.38 -23.20
C VAL A 589 2.60 -16.00 -23.55
N THR A 590 2.04 -15.03 -22.84
CA THR A 590 0.68 -14.55 -23.11
C THR A 590 0.62 -13.07 -22.72
N LYS A 591 -0.58 -12.48 -22.86
CA LYS A 591 -0.79 -11.15 -22.31
C LYS A 591 -0.45 -11.17 -20.82
N LYS A 592 0.39 -10.21 -20.42
CA LYS A 592 0.79 -9.98 -19.04
C LYS A 592 1.79 -11.00 -18.49
N LYS A 593 2.28 -11.93 -19.31
CA LYS A 593 3.17 -12.99 -18.82
C LYS A 593 4.36 -13.12 -19.76
N TYR A 594 5.54 -12.70 -19.30
CA TYR A 594 6.72 -12.74 -20.18
C TYR A 594 7.95 -12.57 -19.30
N ALA A 595 9.10 -12.81 -19.90
CA ALA A 595 10.37 -12.65 -19.21
C ALA A 595 11.37 -12.07 -20.19
N VAL A 596 12.25 -11.20 -19.69
CA VAL A 596 13.30 -10.59 -20.51
C VAL A 596 14.62 -10.64 -19.75
N ILE A 597 15.71 -10.74 -20.49
CA ILE A 597 17.06 -10.73 -19.92
C ILE A 597 17.82 -9.54 -20.52
N ASP A 598 18.42 -8.73 -19.64
CA ASP A 598 19.21 -7.58 -20.06
C ASP A 598 20.63 -8.02 -20.42
N GLU A 599 21.43 -7.06 -20.87
CA GLU A 599 22.78 -7.35 -21.37
C GLU A 599 23.76 -7.72 -20.26
N GLU A 600 23.35 -7.60 -19.00
CA GLU A 600 24.15 -8.03 -17.87
C GLU A 600 23.67 -9.35 -17.32
N GLY A 601 22.79 -10.06 -18.02
CA GLY A 601 22.36 -11.37 -17.55
C GLY A 601 21.25 -11.36 -16.50
N LYS A 602 20.68 -10.20 -16.21
CA LYS A 602 19.63 -10.09 -15.23
C LYS A 602 18.28 -10.37 -15.88
N ILE A 603 17.54 -11.32 -15.30
CA ILE A 603 16.23 -11.69 -15.81
C ILE A 603 15.16 -10.97 -15.01
N THR A 604 14.17 -10.43 -15.70
CA THR A 604 12.99 -9.82 -15.13
C THR A 604 11.80 -10.60 -15.65
N THR A 605 10.90 -10.98 -14.77
CA THR A 605 9.74 -11.79 -15.15
C THR A 605 8.47 -11.09 -14.65
N ARG A 606 7.46 -11.06 -15.51
CA ARG A 606 6.17 -10.45 -15.22
C ARG A 606 5.10 -11.52 -15.36
N GLY A 607 4.26 -11.66 -14.31
CA GLY A 607 3.02 -12.40 -14.40
C GLY A 607 3.17 -13.91 -14.40
N LEU A 608 4.34 -14.38 -14.83
CA LEU A 608 4.60 -15.82 -14.87
C LEU A 608 4.52 -16.41 -13.46
N GLU A 609 4.38 -17.73 -13.39
CA GLU A 609 4.09 -18.37 -12.12
C GLU A 609 5.18 -18.13 -11.10
N ILE A 610 6.42 -17.93 -11.55
CA ILE A 610 7.52 -17.65 -10.61
C ILE A 610 7.19 -16.50 -9.67
N VAL A 611 6.33 -15.55 -10.07
CA VAL A 611 6.09 -14.37 -9.24
C VAL A 611 4.79 -14.48 -8.46
N ARG A 612 4.12 -15.62 -8.52
CA ARG A 612 2.76 -15.75 -7.98
C ARG A 612 2.78 -16.47 -6.63
N ARG A 613 2.21 -15.81 -5.62
N ARG A 613 2.21 -15.81 -5.62
CA ARG A 613 2.21 -16.39 -4.28
CA ARG A 613 2.20 -16.37 -4.28
C ARG A 613 1.34 -17.62 -4.14
C ARG A 613 1.38 -17.65 -4.16
N ASP A 614 0.43 -17.88 -5.08
CA ASP A 614 -0.51 -18.99 -4.97
C ASP A 614 -0.16 -20.19 -5.84
N TRP A 615 1.10 -20.29 -6.29
CA TRP A 615 1.64 -21.47 -6.98
C TRP A 615 2.67 -22.16 -6.10
N SER A 616 2.80 -23.48 -6.26
CA SER A 616 3.72 -24.21 -5.39
C SER A 616 5.16 -23.79 -5.70
N GLU A 617 5.99 -23.79 -4.65
CA GLU A 617 7.40 -23.47 -4.83
C GLU A 617 8.07 -24.35 -5.89
N ILE A 618 7.76 -25.66 -5.90
CA ILE A 618 8.46 -26.54 -6.83
C ILE A 618 8.17 -26.13 -8.27
N ALA A 619 6.93 -25.71 -8.55
CA ALA A 619 6.62 -25.24 -9.90
C ALA A 619 7.38 -23.97 -10.23
N LYS A 620 7.48 -23.05 -9.26
CA LYS A 620 8.13 -21.77 -9.50
C LYS A 620 9.63 -21.94 -9.64
N GLU A 621 10.22 -22.74 -8.76
CA GLU A 621 11.62 -23.11 -8.85
C GLU A 621 11.95 -23.69 -10.21
N THR A 622 11.17 -24.68 -10.66
CA THR A 622 11.46 -25.31 -11.94
C THR A 622 11.36 -24.30 -13.08
N GLN A 623 10.33 -23.46 -13.09
CA GLN A 623 10.19 -22.49 -14.16
C GLN A 623 11.35 -21.50 -14.15
N ALA A 624 11.78 -21.09 -12.96
CA ALA A 624 12.92 -20.18 -12.87
C ALA A 624 14.18 -20.83 -13.45
N ARG A 625 14.43 -22.09 -13.14
CA ARG A 625 15.59 -22.79 -13.69
C ARG A 625 15.47 -22.89 -15.22
N VAL A 626 14.24 -23.14 -15.72
CA VAL A 626 14.07 -23.25 -17.17
C VAL A 626 14.41 -21.94 -17.84
N LEU A 627 13.83 -20.85 -17.34
CA LEU A 627 14.04 -19.55 -17.93
C LEU A 627 15.50 -19.13 -17.88
N GLU A 628 16.23 -19.52 -16.83
CA GLU A 628 17.66 -19.22 -16.77
C GLU A 628 18.40 -19.99 -17.84
N ALA A 629 18.10 -21.29 -17.96
CA ALA A 629 18.72 -22.11 -19.00
C ALA A 629 18.41 -21.55 -20.41
N LEU A 630 17.19 -21.07 -20.63
CA LEU A 630 16.84 -20.59 -21.96
C LEU A 630 17.46 -19.22 -22.24
N LEU A 631 17.21 -18.25 -21.35
CA LEU A 631 17.56 -16.87 -21.64
C LEU A 631 19.00 -16.49 -21.33
N LYS A 632 19.57 -17.06 -20.26
CA LYS A 632 20.93 -16.70 -19.87
C LYS A 632 21.91 -17.57 -20.61
N ASP A 633 21.64 -18.86 -20.69
CA ASP A 633 22.36 -19.77 -21.56
C ASP A 633 21.55 -19.94 -22.86
N GLY A 634 22.03 -20.79 -23.76
CA GLY A 634 21.28 -21.01 -24.98
C GLY A 634 20.89 -22.46 -25.04
N ASP A 635 20.62 -22.99 -23.85
CA ASP A 635 20.60 -24.43 -23.62
C ASP A 635 19.15 -24.88 -23.39
N VAL A 636 18.46 -25.17 -24.49
CA VAL A 636 17.11 -25.70 -24.37
C VAL A 636 17.15 -27.15 -23.89
N GLU A 637 18.16 -27.90 -24.32
CA GLU A 637 18.30 -29.29 -23.86
C GLU A 637 18.49 -29.34 -22.34
N LYS A 638 19.31 -28.44 -21.79
CA LYS A 638 19.46 -28.36 -20.34
C LYS A 638 18.13 -28.03 -19.66
N ALA A 639 17.36 -27.10 -20.24
CA ALA A 639 16.07 -26.75 -19.65
C ALA A 639 15.18 -27.99 -19.51
N VAL A 640 15.20 -28.86 -20.53
CA VAL A 640 14.35 -30.06 -20.49
C VAL A 640 14.84 -31.03 -19.43
N ARG A 641 16.17 -31.21 -19.32
CA ARG A 641 16.72 -32.10 -18.29
C ARG A 641 16.25 -31.64 -16.93
N ILE A 642 16.31 -30.35 -16.66
CA ILE A 642 15.79 -29.82 -15.39
C ILE A 642 14.37 -30.32 -15.14
N VAL A 643 13.50 -30.18 -16.15
CA VAL A 643 12.11 -30.58 -15.98
C VAL A 643 12.00 -32.07 -15.66
N LYS A 644 12.72 -32.91 -16.41
CA LYS A 644 12.63 -34.35 -16.19
C LYS A 644 13.18 -34.72 -14.81
N GLU A 645 14.28 -34.07 -14.39
CA GLU A 645 14.78 -34.31 -13.04
C GLU A 645 13.68 -34.08 -12.01
N VAL A 646 12.89 -33.02 -12.20
CA VAL A 646 11.86 -32.65 -11.23
C VAL A 646 10.71 -33.66 -11.26
N THR A 647 10.18 -33.98 -12.45
CA THR A 647 9.11 -34.97 -12.51
C THR A 647 9.56 -36.33 -11.94
N GLU A 648 10.80 -36.75 -12.23
CA GLU A 648 11.31 -38.01 -11.68
C GLU A 648 11.35 -37.92 -10.15
N LYS A 649 11.96 -36.87 -9.61
CA LYS A 649 12.06 -36.75 -8.16
C LYS A 649 10.69 -36.73 -7.53
N LEU A 650 9.77 -35.96 -8.08
CA LEU A 650 8.43 -35.91 -7.52
C LEU A 650 7.79 -37.29 -7.49
N SER A 651 7.94 -38.05 -8.58
CA SER A 651 7.44 -39.42 -8.59
C SER A 651 8.07 -40.23 -7.47
N LYS A 652 9.38 -40.13 -7.31
CA LYS A 652 10.11 -40.88 -6.28
C LYS A 652 9.96 -40.26 -4.90
N TYR A 653 9.06 -39.29 -4.73
CA TYR A 653 8.81 -38.63 -3.44
C TYR A 653 10.11 -38.10 -2.83
N GLU A 654 11.03 -37.67 -3.69
CA GLU A 654 12.29 -37.11 -3.24
C GLU A 654 12.19 -35.60 -3.00
N VAL A 655 11.14 -34.96 -3.47
CA VAL A 655 11.01 -33.50 -3.32
C VAL A 655 10.55 -33.19 -1.90
N PRO A 656 11.20 -32.26 -1.20
CA PRO A 656 10.76 -31.93 0.16
C PRO A 656 9.32 -31.45 0.14
N PRO A 657 8.46 -32.00 1.01
CA PRO A 657 7.02 -31.61 0.95
C PRO A 657 6.78 -30.12 1.22
N GLU A 658 7.73 -29.42 1.82
CA GLU A 658 7.59 -27.99 2.01
C GLU A 658 7.50 -27.24 0.68
N LYS A 659 8.14 -27.75 -0.37
CA LYS A 659 8.09 -27.09 -1.67
C LYS A 659 6.73 -27.29 -2.36
N LEU A 660 5.82 -28.03 -1.73
CA LEU A 660 4.53 -28.36 -2.34
C LEU A 660 3.36 -27.63 -1.68
N VAL A 661 3.65 -26.67 -0.83
CA VAL A 661 2.58 -25.96 -0.16
C VAL A 661 1.98 -24.91 -1.09
N ILE A 662 0.66 -24.81 -1.08
CA ILE A 662 -0.09 -23.80 -1.82
C ILE A 662 -0.67 -22.82 -0.81
N HIS A 663 -0.45 -21.55 -1.05
CA HIS A 663 -0.96 -20.47 -0.20
C HIS A 663 -2.02 -19.66 -0.95
N GLU A 664 -3.22 -19.55 -0.37
CA GLU A 664 -4.34 -18.87 -1.01
C GLU A 664 -5.16 -18.15 0.06
N GLN A 665 -5.38 -16.86 -0.13
CA GLN A 665 -6.07 -16.08 0.87
C GLN A 665 -7.59 -16.24 0.84
N ILE A 666 -8.20 -16.30 2.03
CA ILE A 666 -9.65 -16.22 2.20
C ILE A 666 -10.04 -14.74 2.15
N THR A 667 -11.04 -14.41 1.34
CA THR A 667 -11.31 -12.99 1.11
C THR A 667 -12.67 -12.55 1.66
N ARG A 668 -13.47 -13.47 2.19
CA ARG A 668 -14.83 -13.16 2.61
C ARG A 668 -15.21 -14.14 3.71
N ASP A 669 -16.38 -13.92 4.30
CA ASP A 669 -16.93 -14.94 5.19
C ASP A 669 -17.18 -16.21 4.40
N LEU A 670 -16.97 -17.36 5.03
CA LEU A 670 -17.06 -18.61 4.31
C LEU A 670 -18.45 -18.83 3.72
N LYS A 671 -19.47 -18.20 4.30
CA LYS A 671 -20.82 -18.40 3.81
C LYS A 671 -21.06 -17.68 2.49
N ASP A 672 -20.26 -16.67 2.18
CA ASP A 672 -20.46 -15.86 0.97
C ASP A 672 -19.84 -16.46 -0.30
N TYR A 673 -19.01 -17.49 -0.19
CA TYR A 673 -18.49 -18.11 -1.40
C TYR A 673 -19.61 -18.77 -2.18
N LYS A 674 -19.54 -18.63 -3.49
CA LYS A 674 -20.45 -19.35 -4.38
C LYS A 674 -19.86 -20.64 -4.92
N ALA A 675 -18.56 -20.68 -5.17
CA ALA A 675 -17.83 -21.89 -5.51
C ALA A 675 -16.81 -22.18 -4.41
N THR A 676 -16.61 -23.46 -4.14
CA THR A 676 -15.69 -23.91 -3.09
C THR A 676 -14.45 -24.57 -3.68
N GLY A 677 -13.38 -23.79 -3.83
CA GLY A 677 -12.11 -24.31 -4.26
C GLY A 677 -11.37 -24.95 -3.12
N PRO A 678 -10.19 -25.49 -3.43
CA PRO A 678 -9.41 -26.21 -2.38
C PRO A 678 -9.21 -25.36 -1.13
N HIS A 679 -8.84 -24.10 -1.27
CA HIS A 679 -8.52 -23.36 -0.05
C HIS A 679 -9.77 -23.09 0.77
N VAL A 680 -10.94 -23.00 0.12
CA VAL A 680 -12.16 -22.81 0.88
C VAL A 680 -12.60 -24.12 1.53
N ALA A 681 -12.36 -25.25 0.86
CA ALA A 681 -12.69 -26.55 1.44
C ALA A 681 -11.90 -26.77 2.73
N VAL A 682 -10.59 -26.52 2.67
CA VAL A 682 -9.76 -26.63 3.87
C VAL A 682 -10.23 -25.64 4.92
N ALA A 683 -10.52 -24.41 4.51
CA ALA A 683 -10.92 -23.39 5.46
C ALA A 683 -12.24 -23.73 6.17
N LYS A 684 -13.18 -24.33 5.44
CA LYS A 684 -14.44 -24.70 6.05
C LYS A 684 -14.26 -25.83 7.05
N ARG A 685 -13.35 -26.78 6.76
CA ARG A 685 -13.10 -27.85 7.72
C ARG A 685 -12.43 -27.29 8.98
N LEU A 686 -11.48 -26.35 8.80
CA LEU A 686 -10.85 -25.74 9.96
C LEU A 686 -11.88 -24.97 10.79
N ALA A 687 -12.77 -24.23 10.14
CA ALA A 687 -13.83 -23.54 10.86
C ALA A 687 -14.67 -24.51 11.67
N ALA A 688 -14.99 -25.68 11.09
CA ALA A 688 -15.77 -26.70 11.80
C ALA A 688 -15.08 -27.16 13.09
N ARG A 689 -13.76 -27.05 13.14
CA ARG A 689 -13.02 -27.38 14.36
C ARG A 689 -12.98 -26.20 15.31
N GLY A 690 -13.50 -25.03 14.93
CA GLY A 690 -13.42 -23.85 15.77
C GLY A 690 -12.21 -22.97 15.55
N VAL A 691 -11.55 -23.07 14.39
CA VAL A 691 -10.26 -22.40 14.21
C VAL A 691 -10.42 -20.89 14.08
N LYS A 692 -11.51 -20.43 13.45
CA LYS A 692 -11.77 -19.01 13.24
C LYS A 692 -11.06 -18.53 11.98
N ILE A 693 -11.79 -18.52 10.89
CA ILE A 693 -11.30 -18.07 9.61
C ILE A 693 -11.86 -16.67 9.42
N ARG A 694 -11.03 -15.76 8.99
CA ARG A 694 -11.44 -14.40 8.66
C ARG A 694 -10.97 -14.03 7.26
N PRO A 695 -11.55 -13.00 6.68
CA PRO A 695 -10.95 -12.41 5.49
C PRO A 695 -9.52 -12.01 5.80
N GLY A 696 -8.60 -12.40 4.92
CA GLY A 696 -7.20 -12.20 5.15
C GLY A 696 -6.48 -13.37 5.77
N THR A 697 -7.20 -14.31 6.38
CA THR A 697 -6.59 -15.61 6.72
C THR A 697 -6.03 -16.24 5.45
N VAL A 698 -4.78 -16.73 5.53
CA VAL A 698 -4.17 -17.47 4.43
C VAL A 698 -4.24 -18.97 4.74
N ILE A 699 -4.76 -19.74 3.79
CA ILE A 699 -4.72 -21.20 3.86
C ILE A 699 -3.44 -21.70 3.19
N SER A 700 -2.64 -22.46 3.91
CA SER A 700 -1.44 -23.10 3.38
C SER A 700 -1.70 -24.59 3.40
N TYR A 701 -1.94 -25.17 2.24
CA TYR A 701 -2.36 -26.55 2.17
C TYR A 701 -1.45 -27.34 1.23
N ILE A 702 -1.55 -28.68 1.32
CA ILE A 702 -0.84 -29.61 0.46
C ILE A 702 -1.87 -30.59 -0.07
N VAL A 703 -1.66 -31.04 -1.28
CA VAL A 703 -2.58 -31.96 -1.99
C VAL A 703 -2.07 -33.38 -1.80
N LEU A 704 -2.90 -34.25 -1.26
CA LEU A 704 -2.57 -35.63 -0.95
C LEU A 704 -3.02 -36.57 -2.07
N LYS A 705 -2.38 -37.74 -2.13
CA LYS A 705 -2.63 -38.69 -3.23
C LYS A 705 -4.09 -39.10 -3.24
N GLY A 706 -4.72 -38.95 -4.40
CA GLY A 706 -6.13 -39.29 -4.57
C GLY A 706 -6.56 -38.97 -5.98
N SER A 707 -7.87 -39.13 -6.21
CA SER A 707 -8.35 -39.01 -7.58
C SER A 707 -9.47 -38.02 -7.84
N GLY A 708 -10.25 -37.69 -6.83
CA GLY A 708 -11.43 -36.88 -7.09
C GLY A 708 -11.17 -35.39 -7.18
N ARG A 709 -12.03 -34.61 -6.51
CA ARG A 709 -11.83 -33.18 -6.45
C ARG A 709 -10.60 -32.83 -5.62
N ILE A 710 -9.88 -31.78 -6.04
CA ILE A 710 -8.64 -31.46 -5.36
C ILE A 710 -8.90 -31.05 -3.90
N GLY A 711 -10.03 -30.42 -3.63
CA GLY A 711 -10.32 -29.98 -2.29
C GLY A 711 -10.70 -31.09 -1.34
N ASP A 712 -11.11 -32.25 -1.87
CA ASP A 712 -11.40 -33.38 -1.03
C ASP A 712 -10.15 -33.97 -0.39
N ARG A 713 -9.00 -33.88 -1.06
CA ARG A 713 -7.78 -34.51 -0.59
C ARG A 713 -6.71 -33.48 -0.28
N ALA A 714 -7.13 -32.30 0.15
CA ALA A 714 -6.23 -31.21 0.50
C ALA A 714 -6.27 -31.01 2.01
N ILE A 715 -5.08 -30.91 2.61
CA ILE A 715 -4.96 -30.74 4.05
C ILE A 715 -4.05 -29.54 4.33
N PRO A 716 -4.21 -28.86 5.47
CA PRO A 716 -3.24 -27.82 5.85
C PRO A 716 -1.87 -28.45 6.05
N PHE A 717 -0.83 -27.70 5.69
CA PHE A 717 0.51 -28.26 5.76
C PHE A 717 0.92 -28.48 7.20
N ASP A 718 0.31 -27.77 8.16
N ASP A 718 0.31 -27.76 8.15
CA ASP A 718 0.62 -27.99 9.57
CA ASP A 718 0.59 -27.98 9.57
C ASP A 718 0.05 -29.32 10.08
C ASP A 718 0.09 -29.34 10.07
N GLU A 719 -0.69 -30.06 9.25
CA GLU A 719 -1.16 -31.40 9.61
C GLU A 719 -0.45 -32.51 8.82
N PHE A 720 0.46 -32.16 7.91
CA PHE A 720 1.13 -33.16 7.08
C PHE A 720 2.13 -33.94 7.92
N ASP A 721 2.20 -35.26 7.65
CA ASP A 721 3.04 -36.20 8.37
C ASP A 721 3.58 -37.18 7.35
N PRO A 722 4.88 -37.12 7.00
CA PRO A 722 5.41 -38.02 5.94
C PRO A 722 5.26 -39.48 6.23
N THR A 723 5.10 -39.87 7.50
CA THR A 723 4.95 -41.27 7.84
C THR A 723 3.56 -41.81 7.55
N LYS A 724 2.57 -40.92 7.37
CA LYS A 724 1.20 -41.31 7.10
C LYS A 724 0.65 -40.83 5.76
N HIS A 725 1.06 -39.66 5.29
CA HIS A 725 0.52 -39.05 4.10
C HIS A 725 1.53 -39.07 2.96
N LYS A 726 1.08 -39.51 1.79
CA LYS A 726 1.87 -39.39 0.58
C LYS A 726 1.29 -38.18 -0.14
N TYR A 727 2.16 -37.26 -0.54
CA TYR A 727 1.67 -36.17 -1.38
C TYR A 727 1.35 -36.71 -2.79
N ASP A 728 0.55 -35.94 -3.50
CA ASP A 728 0.04 -36.35 -4.81
C ASP A 728 1.08 -35.96 -5.87
N ALA A 729 2.06 -36.85 -6.08
CA ALA A 729 3.11 -36.55 -7.06
C ALA A 729 2.51 -36.25 -8.43
N GLU A 730 1.46 -36.99 -8.84
CA GLU A 730 0.90 -36.80 -10.17
C GLU A 730 0.23 -35.43 -10.28
N TYR A 731 -0.34 -34.94 -9.19
CA TYR A 731 -0.94 -33.61 -9.25
C TYR A 731 0.13 -32.51 -9.39
N TYR A 732 1.20 -32.59 -8.60
CA TYR A 732 2.24 -31.55 -8.69
C TYR A 732 2.96 -31.57 -10.04
N ILE A 733 3.06 -32.75 -10.67
CA ILE A 733 3.60 -32.82 -12.03
C ILE A 733 2.62 -32.21 -13.04
N GLU A 734 1.40 -32.74 -13.09
CA GLU A 734 0.47 -32.40 -14.16
C GLU A 734 -0.27 -31.09 -13.91
N ASN A 735 -0.33 -30.63 -12.67
CA ASN A 735 -1.14 -29.44 -12.38
C ASN A 735 -0.34 -28.27 -11.85
N GLN A 736 0.92 -28.47 -11.46
CA GLN A 736 1.78 -27.37 -11.02
C GLN A 736 3.00 -27.21 -11.91
N VAL A 737 3.88 -28.23 -11.98
CA VAL A 737 5.11 -28.12 -12.75
C VAL A 737 4.81 -28.02 -14.25
N LEU A 738 4.38 -29.12 -14.87
CA LEU A 738 4.30 -29.11 -16.34
C LEU A 738 3.53 -27.91 -16.88
N PRO A 739 2.37 -27.52 -16.33
CA PRO A 739 1.65 -26.38 -16.91
C PRO A 739 2.51 -25.13 -17.00
N ALA A 740 3.27 -24.83 -15.95
CA ALA A 740 4.05 -23.60 -15.91
C ALA A 740 5.22 -23.64 -16.88
N VAL A 741 5.83 -24.81 -17.10
CA VAL A 741 6.99 -24.86 -17.98
C VAL A 741 6.60 -25.22 -19.41
N GLU A 742 5.56 -26.05 -19.57
CA GLU A 742 5.17 -26.43 -20.92
C GLU A 742 4.76 -25.21 -21.74
N ARG A 743 4.18 -24.20 -21.10
CA ARG A 743 3.81 -23.03 -21.85
C ARG A 743 5.00 -22.31 -22.44
N ILE A 744 6.18 -22.54 -21.88
CA ILE A 744 7.42 -22.02 -22.47
C ILE A 744 8.01 -22.98 -23.50
N LEU A 745 8.13 -24.23 -23.15
CA LEU A 745 8.88 -25.19 -23.93
C LEU A 745 8.14 -25.70 -25.15
N ARG A 746 6.83 -25.42 -25.28
CA ARG A 746 6.19 -25.59 -26.58
C ARG A 746 7.01 -24.97 -27.71
N ALA A 747 7.44 -23.73 -27.52
CA ALA A 747 8.02 -22.97 -28.62
C ALA A 747 9.24 -23.66 -29.23
N PHE A 748 9.79 -24.65 -28.52
CA PHE A 748 10.94 -25.41 -28.99
C PHE A 748 10.59 -26.82 -29.37
N GLY A 749 9.31 -27.19 -29.27
CA GLY A 749 8.81 -28.44 -29.78
C GLY A 749 8.66 -29.54 -28.77
N TYR A 750 8.43 -29.21 -27.52
CA TYR A 750 8.42 -30.20 -26.45
C TYR A 750 7.00 -30.36 -25.96
N ARG A 751 6.46 -31.56 -26.14
CA ARG A 751 5.16 -31.91 -25.63
C ARG A 751 5.29 -32.29 -24.14
N LYS A 752 4.14 -32.35 -23.47
CA LYS A 752 4.13 -32.75 -22.07
C LYS A 752 4.73 -34.14 -21.89
N GLU A 753 4.51 -35.04 -22.88
CA GLU A 753 5.05 -36.39 -22.77
C GLU A 753 6.58 -36.39 -22.74
N ASP A 754 7.19 -35.43 -23.43
CA ASP A 754 8.65 -35.34 -23.53
C ASP A 754 9.30 -34.81 -22.25
N LEU A 755 8.51 -34.50 -21.23
CA LEU A 755 9.02 -33.88 -20.02
C LEU A 755 8.78 -34.67 -18.76
N ARG A 756 7.95 -35.72 -18.79
CA ARG A 756 7.66 -36.53 -17.62
C ARG A 756 8.30 -37.91 -17.67
#